data_7N9G
#
_entry.id   7N9G
#
_cell.length_a   69.933
_cell.length_b   166.879
_cell.length_c   186.817
_cell.angle_alpha   90.000
_cell.angle_beta   90.000
_cell.angle_gamma   90.000
#
_symmetry.space_group_name_H-M   'I 2 2 2'
#
loop_
_entity.id
_entity.type
_entity.pdbx_description
1 polymer 'Tyrosine-protein kinase ABL1'
2 non-polymer 4-(4-METHYL-PIPERAZIN-1-YLMETHYL)-N-[4-METHYL-3-(4-PYRIDIN-3-YL-PYRIMIDIN-2-YLAMINO)-PHENYL]-BENZAMIDE
3 non-polymer N-(2-CHLORO-6-METHYLPHENYL)-2-({6-[4-(2-HYDROXYETHYL)PIPERAZIN-1-YL]-2-METHYLPYRIMIDIN-4-YL}AMINO)-1,3-THIAZOLE-5-CARBOXAMIDE
4 non-polymer 'PHOSPHATE ION'
5 water water
#
_entity_poly.entity_id   1
_entity_poly.type   'polypeptide(L)'
_entity_poly.pdbx_seq_one_letter_code
;SPNYDKWEMERTDITMKHKLGGGQYGEVYEGVWKKYSLTVAVKTLKEDTMEVEEFLKEAAVMKEIKHPNLVQLLGVCTRE
PPFYIITEFMTYGNLLDYLRECNRQEVNAVVLLYMATQISSAMEYLEKKNFIHRDLAARNCLVGENHLVKVADFGLSRLM
TGDTYTAHAGAKFPIKWTAPESLAYNKFSIKSDVWAFGVLLWEIATYGMSPYPGIDLSQVYELLEKDYRMERPEGCPEKV
YELMRACWQWNPSDRPSFAEIHQAFETMFQE
;
_entity_poly.pdbx_strand_id   A,B,C
#
# COMPACT_ATOMS: atom_id res chain seq x y z
N ASP A 5 -7.24 13.23 -37.22
CA ASP A 5 -8.11 13.06 -36.02
C ASP A 5 -8.18 14.40 -35.28
N LYS A 6 -9.38 14.98 -35.12
CA LYS A 6 -9.55 16.34 -34.54
C LYS A 6 -9.33 16.34 -33.02
N TRP A 7 -9.34 15.17 -32.37
CA TRP A 7 -9.18 15.03 -30.91
C TRP A 7 -7.70 14.97 -30.53
N GLU A 8 -6.82 14.63 -31.49
CA GLU A 8 -5.37 14.39 -31.22
C GLU A 8 -4.65 15.68 -30.79
N MET A 9 -3.89 15.58 -29.71
CA MET A 9 -3.07 16.67 -29.13
C MET A 9 -1.64 16.18 -29.00
N GLU A 10 -0.68 17.08 -29.11
CA GLU A 10 0.71 16.82 -28.65
C GLU A 10 0.66 16.89 -27.12
N ARG A 11 1.32 15.94 -26.46
CA ARG A 11 1.47 15.91 -24.99
C ARG A 11 1.89 17.27 -24.44
N THR A 12 2.71 18.02 -25.20
CA THR A 12 3.29 19.33 -24.77
C THR A 12 2.24 20.44 -24.87
N ASP A 13 1.04 20.17 -25.39
CA ASP A 13 -0.13 21.07 -25.25
C ASP A 13 -0.59 21.10 -23.78
N ILE A 14 -0.28 20.07 -22.98
CA ILE A 14 -0.70 19.95 -21.56
C ILE A 14 0.51 20.18 -20.65
N THR A 15 0.32 20.98 -19.58
CA THR A 15 1.19 21.03 -18.38
C THR A 15 0.57 20.17 -17.28
N MET A 16 1.24 19.09 -16.91
CA MET A 16 0.76 18.15 -15.85
C MET A 16 0.97 18.80 -14.48
N LYS A 17 -0.04 18.73 -13.63
CA LYS A 17 0.02 19.20 -12.24
C LYS A 17 -0.27 18.00 -11.34
N HIS A 18 -0.73 18.26 -10.11
CA HIS A 18 -0.86 17.29 -9.01
C HIS A 18 -1.84 16.16 -9.36
N LYS A 19 -1.59 15.00 -8.77
CA LYS A 19 -2.45 13.80 -8.90
C LYS A 19 -3.77 14.11 -8.21
N LEU A 20 -4.89 13.74 -8.84
CA LEU A 20 -6.23 14.12 -8.34
C LEU A 20 -6.74 13.10 -7.34
N GLY A 21 -7.38 13.62 -6.29
CA GLY A 21 -8.06 12.87 -5.23
C GLY A 21 -7.12 11.92 -4.53
N GLY A 22 -5.86 12.33 -4.35
CA GLY A 22 -4.80 11.54 -3.68
C GLY A 22 -4.62 10.15 -4.29
N GLY A 23 -4.96 9.94 -5.56
CA GLY A 23 -4.70 8.68 -6.30
C GLY A 23 -5.87 7.70 -6.34
N GLN A 24 -7.08 8.09 -5.94
CA GLN A 24 -8.31 7.22 -5.92
C GLN A 24 -8.69 6.76 -7.34
N TYR A 25 -8.47 7.61 -8.34
CA TYR A 25 -8.79 7.34 -9.77
C TYR A 25 -7.54 6.78 -10.48
N GLY A 26 -6.52 6.36 -9.73
CA GLY A 26 -5.23 5.94 -10.28
C GLY A 26 -4.54 7.14 -10.96
N GLU A 27 -4.08 6.95 -12.19
CA GLU A 27 -3.17 7.91 -12.88
C GLU A 27 -4.03 9.00 -13.54
N VAL A 28 -4.78 9.75 -12.74
CA VAL A 28 -5.54 10.95 -13.19
C VAL A 28 -4.94 12.15 -12.46
N TYR A 29 -4.57 13.16 -13.24
CA TYR A 29 -3.84 14.37 -12.82
C TYR A 29 -4.66 15.59 -13.22
N GLU A 30 -4.54 16.63 -12.40
CA GLU A 30 -4.93 17.98 -12.84
C GLU A 30 -3.88 18.41 -13.85
N GLY A 31 -4.31 19.17 -14.86
CA GLY A 31 -3.40 19.77 -15.84
C GLY A 31 -3.92 21.10 -16.31
N VAL A 32 -3.12 21.77 -17.13
CA VAL A 32 -3.51 23.01 -17.84
C VAL A 32 -3.36 22.74 -19.33
N TRP A 33 -4.45 22.93 -20.06
CA TRP A 33 -4.45 22.96 -21.54
C TRP A 33 -3.96 24.36 -21.96
N LYS A 34 -2.72 24.49 -22.41
CA LYS A 34 -2.02 25.80 -22.60
C LYS A 34 -2.79 26.70 -23.59
N LYS A 35 -3.38 26.11 -24.62
CA LYS A 35 -4.09 26.89 -25.66
C LYS A 35 -5.08 27.88 -25.02
N TYR A 36 -5.76 27.52 -23.93
CA TYR A 36 -6.80 28.37 -23.30
C TYR A 36 -6.50 28.64 -21.82
N SER A 37 -5.32 28.27 -21.32
CA SER A 37 -5.00 28.30 -19.87
C SER A 37 -6.15 27.70 -19.07
N LEU A 38 -6.70 26.58 -19.57
CA LEU A 38 -7.90 25.94 -18.99
C LEU A 38 -7.43 24.77 -18.12
N THR A 39 -7.81 24.78 -16.84
CA THR A 39 -7.57 23.64 -15.93
C THR A 39 -8.36 22.46 -16.48
N VAL A 40 -7.68 21.31 -16.59
CA VAL A 40 -8.28 20.08 -17.15
C VAL A 40 -7.91 18.91 -16.23
N ALA A 41 -8.48 17.75 -16.51
CA ALA A 41 -8.07 16.47 -15.92
C ALA A 41 -7.48 15.60 -17.04
N VAL A 42 -6.42 14.89 -16.69
CA VAL A 42 -5.63 14.06 -17.63
C VAL A 42 -5.43 12.67 -17.03
N LYS A 43 -5.91 11.66 -17.74
CA LYS A 43 -5.64 10.24 -17.40
C LYS A 43 -4.47 9.77 -18.26
N THR A 44 -3.47 9.16 -17.63
CA THR A 44 -2.22 8.75 -18.33
C THR A 44 -2.04 7.23 -18.27
N LEU A 45 -1.29 6.72 -19.23
CA LEU A 45 -0.79 5.31 -19.27
C LEU A 45 0.64 5.32 -19.81
N LYS A 46 1.60 4.77 -19.06
CA LYS A 46 3.01 4.58 -19.47
C LYS A 46 3.32 3.09 -19.59
N MET A 50 0.75 -2.55 -21.10
CA MET A 50 -0.05 -3.54 -20.32
C MET A 50 -1.53 -3.51 -20.77
N GLU A 51 -2.25 -2.41 -20.49
CA GLU A 51 -3.71 -2.25 -20.76
C GLU A 51 -3.94 -1.21 -21.88
N VAL A 52 -3.05 -1.15 -22.87
CA VAL A 52 -3.06 -0.15 -23.98
C VAL A 52 -4.33 -0.32 -24.83
N GLU A 53 -4.63 -1.55 -25.27
CA GLU A 53 -5.78 -1.89 -26.14
C GLU A 53 -7.06 -1.33 -25.50
N GLU A 54 -7.21 -1.53 -24.19
CA GLU A 54 -8.36 -1.07 -23.36
C GLU A 54 -8.42 0.47 -23.37
N PHE A 55 -7.28 1.13 -23.10
CA PHE A 55 -7.13 2.60 -22.93
C PHE A 55 -7.57 3.34 -24.21
N LEU A 56 -7.17 2.83 -25.38
CA LEU A 56 -7.46 3.46 -26.71
C LEU A 56 -8.92 3.18 -27.11
N LYS A 57 -9.48 2.03 -26.73
CA LYS A 57 -10.90 1.70 -27.03
C LYS A 57 -11.80 2.68 -26.26
N GLU A 58 -11.48 2.95 -24.99
CA GLU A 58 -12.22 3.95 -24.15
C GLU A 58 -12.07 5.34 -24.77
N ALA A 59 -10.86 5.73 -25.17
CA ALA A 59 -10.62 7.02 -25.84
C ALA A 59 -11.61 7.17 -27.01
N ALA A 60 -11.73 6.13 -27.84
CA ALA A 60 -12.60 6.15 -29.05
C ALA A 60 -14.06 6.28 -28.65
N VAL A 61 -14.48 5.60 -27.59
CA VAL A 61 -15.89 5.61 -27.10
C VAL A 61 -16.26 7.02 -26.63
N MET A 62 -15.37 7.67 -25.87
CA MET A 62 -15.64 9.00 -25.27
C MET A 62 -15.78 10.07 -26.37
N LYS A 63 -15.20 9.87 -27.56
CA LYS A 63 -15.32 10.83 -28.70
C LYS A 63 -16.79 10.88 -29.15
N GLU A 64 -17.52 9.78 -29.02
CA GLU A 64 -18.92 9.66 -29.50
C GLU A 64 -19.93 10.25 -28.51
N ILE A 65 -19.54 10.57 -27.27
CA ILE A 65 -20.52 10.93 -26.22
C ILE A 65 -20.47 12.43 -25.91
N LYS A 66 -21.65 13.03 -25.82
CA LYS A 66 -21.85 14.48 -25.57
C LYS A 66 -23.21 14.65 -24.88
N HIS A 67 -23.20 14.86 -23.57
CA HIS A 67 -24.41 15.05 -22.73
C HIS A 67 -24.02 15.94 -21.57
N PRO A 68 -24.92 16.85 -21.08
CA PRO A 68 -24.56 17.70 -19.95
C PRO A 68 -24.09 16.95 -18.69
N ASN A 69 -24.44 15.67 -18.54
CA ASN A 69 -24.20 14.90 -17.29
C ASN A 69 -23.26 13.71 -17.53
N LEU A 70 -22.48 13.78 -18.62
CA LEU A 70 -21.31 12.89 -18.84
C LEU A 70 -20.07 13.76 -18.97
N VAL A 71 -18.97 13.35 -18.33
CA VAL A 71 -17.72 14.16 -18.33
C VAL A 71 -17.24 14.35 -19.77
N GLN A 72 -16.98 15.59 -20.15
CA GLN A 72 -16.72 15.96 -21.58
C GLN A 72 -15.25 15.70 -21.92
N LEU A 73 -15.02 14.87 -22.94
CA LEU A 73 -13.68 14.71 -23.56
C LEU A 73 -13.27 16.04 -24.19
N LEU A 74 -12.00 16.40 -24.04
CA LEU A 74 -11.42 17.61 -24.69
C LEU A 74 -10.39 17.18 -25.73
N GLY A 75 -9.58 16.16 -25.41
CA GLY A 75 -8.56 15.63 -26.33
C GLY A 75 -7.93 14.34 -25.84
N VAL A 76 -7.07 13.78 -26.69
CA VAL A 76 -6.35 12.50 -26.46
C VAL A 76 -4.94 12.64 -27.02
N CYS A 77 -4.01 11.89 -26.45
CA CYS A 77 -2.67 11.61 -27.02
C CYS A 77 -2.58 10.10 -27.15
N THR A 78 -2.70 9.61 -28.38
CA THR A 78 -2.84 8.16 -28.68
C THR A 78 -1.82 7.71 -29.73
N ARG A 79 -0.80 8.52 -30.03
CA ARG A 79 0.24 8.18 -31.04
C ARG A 79 1.22 7.18 -30.41
N GLU A 80 1.96 7.59 -29.38
CA GLU A 80 2.97 6.76 -28.69
C GLU A 80 2.96 7.09 -27.19
N PRO A 81 3.42 6.17 -26.31
CA PRO A 81 3.33 6.36 -24.87
C PRO A 81 4.25 7.47 -24.39
N PRO A 82 3.96 8.17 -23.26
CA PRO A 82 2.71 7.98 -22.51
C PRO A 82 1.44 8.48 -23.23
N PHE A 83 0.35 7.74 -23.06
CA PHE A 83 -0.99 8.01 -23.66
C PHE A 83 -1.82 8.85 -22.68
N TYR A 84 -2.56 9.83 -23.20
CA TYR A 84 -3.39 10.78 -22.42
C TYR A 84 -4.85 10.71 -22.88
N ILE A 85 -5.78 10.74 -21.92
CA ILE A 85 -7.17 11.18 -22.15
C ILE A 85 -7.40 12.46 -21.32
N ILE A 86 -7.77 13.53 -22.01
CA ILE A 86 -7.96 14.87 -21.41
C ILE A 86 -9.46 15.18 -21.40
N THR A 87 -9.97 15.53 -20.22
CA THR A 87 -11.38 15.94 -20.03
C THR A 87 -11.42 17.29 -19.31
N GLU A 88 -12.61 17.84 -19.23
CA GLU A 88 -12.94 18.97 -18.35
C GLU A 88 -12.65 18.55 -16.90
N PHE A 89 -12.31 19.54 -16.07
CA PHE A 89 -12.01 19.33 -14.63
C PHE A 89 -13.31 19.54 -13.85
N MET A 90 -13.80 18.49 -13.19
CA MET A 90 -14.90 18.60 -12.21
C MET A 90 -14.28 19.03 -10.88
N THR A 91 -14.66 20.20 -10.36
CA THR A 91 -13.93 20.91 -9.28
C THR A 91 -14.10 20.21 -7.92
N TYR A 92 -15.25 19.58 -7.64
CA TYR A 92 -15.55 19.10 -6.27
C TYR A 92 -15.23 17.61 -6.08
N GLY A 93 -14.83 16.91 -7.14
CA GLY A 93 -14.40 15.49 -7.03
C GLY A 93 -15.58 14.55 -6.95
N ASN A 94 -15.33 13.35 -6.41
CA ASN A 94 -16.26 12.20 -6.58
C ASN A 94 -17.45 12.40 -5.64
N LEU A 95 -18.62 11.94 -6.07
CA LEU A 95 -19.91 12.16 -5.38
C LEU A 95 -19.95 11.43 -4.04
N LEU A 96 -19.25 10.32 -3.89
CA LEU A 96 -19.34 9.53 -2.62
C LEU A 96 -18.71 10.36 -1.50
N ASP A 97 -17.52 10.89 -1.72
CA ASP A 97 -16.79 11.70 -0.71
C ASP A 97 -17.58 12.99 -0.46
N TYR A 98 -18.19 13.53 -1.51
CA TYR A 98 -18.96 14.78 -1.46
C TYR A 98 -20.16 14.60 -0.53
N LEU A 99 -20.90 13.50 -0.69
CA LEU A 99 -22.07 13.19 0.18
C LEU A 99 -21.59 13.00 1.62
N ARG A 100 -20.49 12.29 1.82
CA ARG A 100 -20.02 11.94 3.18
C ARG A 100 -19.56 13.20 3.91
N GLU A 101 -19.10 14.23 3.21
CA GLU A 101 -18.41 15.37 3.87
C GLU A 101 -19.26 16.65 3.77
N CYS A 102 -20.42 16.60 3.10
CA CYS A 102 -21.16 17.83 2.75
C CYS A 102 -21.81 18.45 3.99
N ASN A 103 -22.14 19.73 3.86
CA ASN A 103 -23.09 20.44 4.76
C ASN A 103 -24.50 20.03 4.36
N ARG A 104 -25.20 19.27 5.21
CA ARG A 104 -26.54 18.72 4.93
C ARG A 104 -27.61 19.81 5.00
N GLN A 105 -27.32 20.97 5.59
CA GLN A 105 -28.20 22.18 5.50
C GLN A 105 -28.26 22.66 4.04
N GLU A 106 -27.17 22.50 3.29
CA GLU A 106 -27.09 22.89 1.86
C GLU A 106 -27.53 21.69 1.01
N VAL A 107 -26.85 20.55 1.18
CA VAL A 107 -27.12 19.31 0.39
C VAL A 107 -28.30 18.61 1.07
N ASN A 108 -29.50 19.07 0.78
CA ASN A 108 -30.74 18.65 1.47
C ASN A 108 -31.61 17.88 0.45
N ALA A 109 -32.86 17.61 0.80
CA ALA A 109 -33.75 16.71 0.02
C ALA A 109 -33.74 17.09 -1.46
N VAL A 110 -33.82 18.38 -1.77
CA VAL A 110 -34.01 18.81 -3.19
C VAL A 110 -32.70 18.58 -3.94
N VAL A 111 -31.56 18.67 -3.26
CA VAL A 111 -30.25 18.46 -3.93
C VAL A 111 -30.05 16.96 -4.18
N LEU A 112 -30.45 16.10 -3.24
CA LEU A 112 -30.42 14.62 -3.44
C LEU A 112 -31.24 14.26 -4.68
N LEU A 113 -32.43 14.83 -4.84
CA LEU A 113 -33.33 14.56 -6.00
C LEU A 113 -32.63 15.03 -7.26
N TYR A 114 -32.04 16.23 -7.19
CA TYR A 114 -31.33 16.86 -8.34
C TYR A 114 -30.17 15.94 -8.76
N MET A 115 -29.45 15.38 -7.78
CA MET A 115 -28.28 14.50 -8.08
C MET A 115 -28.79 13.22 -8.76
N ALA A 116 -29.85 12.61 -8.21
CA ALA A 116 -30.48 11.39 -8.76
C ALA A 116 -30.95 11.65 -10.20
N THR A 117 -31.65 12.76 -10.41
CA THR A 117 -32.25 13.15 -11.72
C THR A 117 -31.16 13.32 -12.77
N GLN A 118 -30.05 13.99 -12.41
CA GLN A 118 -28.91 14.25 -13.34
C GLN A 118 -28.28 12.93 -13.80
N ILE A 119 -28.00 12.03 -12.87
CA ILE A 119 -27.35 10.73 -13.18
C ILE A 119 -28.30 9.92 -14.06
N SER A 120 -29.59 9.94 -13.75
CA SER A 120 -30.60 9.18 -14.53
C SER A 120 -30.68 9.76 -15.94
N SER A 121 -30.49 11.09 -16.09
CA SER A 121 -30.46 11.79 -17.40
C SER A 121 -29.29 11.28 -18.23
N ALA A 122 -28.10 11.17 -17.62
CA ALA A 122 -26.89 10.64 -18.27
C ALA A 122 -27.14 9.20 -18.74
N MET A 123 -27.75 8.39 -17.89
CA MET A 123 -27.94 6.94 -18.16
C MET A 123 -29.06 6.75 -19.21
N GLU A 124 -30.07 7.63 -19.23
CA GLU A 124 -31.12 7.61 -20.28
C GLU A 124 -30.47 7.84 -21.65
N TYR A 125 -29.48 8.74 -21.72
CA TYR A 125 -28.74 9.09 -22.95
C TYR A 125 -27.96 7.88 -23.41
N LEU A 126 -27.21 7.25 -22.50
CA LEU A 126 -26.42 6.03 -22.79
C LEU A 126 -27.34 4.88 -23.24
N GLU A 127 -28.45 4.68 -22.55
CA GLU A 127 -29.49 3.68 -22.92
C GLU A 127 -29.86 3.89 -24.40
N LYS A 128 -30.26 5.11 -24.76
CA LYS A 128 -30.75 5.47 -26.12
C LYS A 128 -29.61 5.35 -27.15
N LYS A 129 -28.35 5.56 -26.74
CA LYS A 129 -27.17 5.49 -27.64
C LYS A 129 -26.52 4.10 -27.60
N ASN A 130 -27.16 3.10 -26.98
CA ASN A 130 -26.69 1.69 -26.94
C ASN A 130 -25.27 1.64 -26.38
N PHE A 131 -25.07 2.30 -25.23
CA PHE A 131 -23.84 2.16 -24.40
C PHE A 131 -24.26 1.54 -23.07
N ILE A 132 -23.33 0.88 -22.41
CA ILE A 132 -23.54 0.33 -21.05
C ILE A 132 -22.38 0.86 -20.21
N HIS A 133 -22.65 1.18 -18.95
CA HIS A 133 -21.58 1.45 -17.93
C HIS A 133 -21.27 0.15 -17.20
N ARG A 134 -20.00 -0.08 -16.85
CA ARG A 134 -19.60 -1.35 -16.17
C ARG A 134 -19.20 -1.08 -14.72
N ASP A 135 -19.29 0.17 -14.26
CA ASP A 135 -18.98 0.52 -12.84
C ASP A 135 -19.75 1.77 -12.44
N LEU A 136 -21.08 1.74 -12.58
CA LEU A 136 -21.97 2.83 -12.15
C LEU A 136 -22.12 2.79 -10.63
N ALA A 137 -21.54 3.79 -9.94
CA ALA A 137 -21.49 3.89 -8.46
C ALA A 137 -21.22 5.36 -8.11
N ALA A 138 -21.53 5.76 -6.89
CA ALA A 138 -21.33 7.17 -6.44
C ALA A 138 -19.86 7.58 -6.63
N ARG A 139 -18.91 6.68 -6.39
CA ARG A 139 -17.45 6.96 -6.50
C ARG A 139 -17.07 7.30 -7.95
N ASN A 140 -17.88 6.91 -8.95
CA ASN A 140 -17.58 7.19 -10.38
C ASN A 140 -18.54 8.25 -10.91
N CYS A 141 -19.12 9.06 -10.02
CA CYS A 141 -19.79 10.32 -10.40
C CYS A 141 -18.95 11.49 -9.87
N LEU A 142 -18.94 12.59 -10.60
CA LEU A 142 -18.11 13.76 -10.25
C LEU A 142 -19.05 14.96 -10.08
N VAL A 143 -18.66 15.88 -9.20
CA VAL A 143 -19.49 17.02 -8.79
C VAL A 143 -18.81 18.32 -9.25
N GLY A 144 -19.59 19.25 -9.79
CA GLY A 144 -19.15 20.61 -10.16
C GLY A 144 -19.89 21.65 -9.35
N GLU A 145 -19.78 22.92 -9.71
CA GLU A 145 -20.46 24.06 -9.04
C GLU A 145 -21.98 23.88 -9.07
N ASN A 146 -22.66 24.29 -7.99
CA ASN A 146 -24.13 24.36 -7.93
C ASN A 146 -24.75 22.95 -8.03
N HIS A 147 -24.08 21.94 -7.46
CA HIS A 147 -24.59 20.56 -7.32
C HIS A 147 -24.71 19.86 -8.68
N LEU A 148 -24.00 20.37 -9.69
CA LEU A 148 -23.84 19.69 -10.99
C LEU A 148 -23.19 18.33 -10.75
N VAL A 149 -23.76 17.29 -11.36
CA VAL A 149 -23.21 15.91 -11.29
C VAL A 149 -23.06 15.39 -12.71
N LYS A 150 -21.90 14.82 -13.00
CA LYS A 150 -21.63 14.12 -14.26
C LYS A 150 -21.14 12.72 -13.93
N VAL A 151 -21.61 11.75 -14.71
CA VAL A 151 -21.08 10.36 -14.64
C VAL A 151 -19.72 10.35 -15.34
N ALA A 152 -18.70 9.81 -14.69
CA ALA A 152 -17.36 9.54 -15.24
C ALA A 152 -17.49 8.42 -16.28
N ASP A 153 -16.84 8.55 -17.43
CA ASP A 153 -17.17 7.73 -18.62
C ASP A 153 -15.95 6.97 -19.13
N PHE A 154 -14.98 6.61 -18.26
CA PHE A 154 -13.85 5.75 -18.69
C PHE A 154 -14.33 4.29 -18.82
N GLY A 155 -15.31 3.84 -18.03
CA GLY A 155 -15.78 2.44 -18.12
C GLY A 155 -17.05 2.28 -18.95
N LEU A 156 -17.09 2.82 -20.17
CA LEU A 156 -18.25 2.64 -21.11
C LEU A 156 -17.91 1.56 -22.15
N SER A 157 -18.93 0.85 -22.63
CA SER A 157 -18.83 -0.15 -23.72
C SER A 157 -20.03 0.00 -24.66
N ARG A 158 -19.87 -0.32 -25.94
CA ARG A 158 -20.97 -0.38 -26.94
C ARG A 158 -21.64 -1.75 -26.82
N LEU A 159 -22.97 -1.82 -26.87
CA LEU A 159 -23.73 -3.09 -26.73
C LEU A 159 -24.43 -3.40 -28.06
N PHE A 173 -15.75 -7.66 -10.84
CA PHE A 173 -16.59 -6.43 -10.88
C PHE A 173 -16.97 -6.00 -9.45
N PRO A 174 -17.58 -4.79 -9.30
CA PRO A 174 -18.01 -4.30 -7.99
C PRO A 174 -19.25 -5.07 -7.50
N ILE A 175 -19.01 -6.09 -6.68
CA ILE A 175 -20.04 -7.12 -6.35
C ILE A 175 -21.31 -6.44 -5.81
N LYS A 176 -21.17 -5.45 -4.92
CA LYS A 176 -22.35 -4.86 -4.22
C LYS A 176 -23.16 -3.96 -5.17
N TRP A 177 -22.63 -3.65 -6.35
CA TRP A 177 -23.33 -2.79 -7.35
C TRP A 177 -23.74 -3.60 -8.57
N THR A 178 -23.49 -4.91 -8.57
CA THR A 178 -23.57 -5.79 -9.76
C THR A 178 -24.89 -6.58 -9.73
N ALA A 179 -25.68 -6.48 -10.80
CA ALA A 179 -26.95 -7.20 -10.98
C ALA A 179 -26.70 -8.70 -10.84
N PRO A 180 -27.70 -9.47 -10.34
CA PRO A 180 -27.55 -10.92 -10.15
C PRO A 180 -27.14 -11.66 -11.44
N GLU A 181 -27.74 -11.31 -12.58
CA GLU A 181 -27.45 -11.96 -13.89
C GLU A 181 -25.98 -11.74 -14.28
N SER A 182 -25.38 -10.62 -13.86
CA SER A 182 -23.97 -10.28 -14.16
C SER A 182 -23.02 -11.05 -13.25
N LEU A 183 -23.40 -11.33 -12.00
CA LEU A 183 -22.55 -12.13 -11.07
C LEU A 183 -22.55 -13.58 -11.55
N ALA A 184 -23.72 -14.09 -11.94
CA ALA A 184 -23.96 -15.52 -12.25
C ALA A 184 -23.31 -15.87 -13.61
N TYR A 185 -23.73 -15.20 -14.69
CA TYR A 185 -23.46 -15.63 -16.10
C TYR A 185 -22.55 -14.61 -16.82
N ASN A 186 -21.97 -13.64 -16.10
CA ASN A 186 -21.04 -12.60 -16.64
C ASN A 186 -21.71 -11.80 -17.77
N LYS A 187 -23.06 -11.78 -17.83
CA LYS A 187 -23.86 -11.05 -18.86
C LYS A 187 -24.17 -9.63 -18.35
N PHE A 188 -23.78 -8.61 -19.13
CA PHE A 188 -24.06 -7.17 -18.85
C PHE A 188 -25.04 -6.62 -19.89
N SER A 189 -26.00 -5.83 -19.44
CA SER A 189 -26.97 -5.07 -20.26
C SER A 189 -27.21 -3.70 -19.65
N ILE A 190 -28.03 -2.88 -20.29
CA ILE A 190 -28.48 -1.58 -19.74
C ILE A 190 -29.29 -1.85 -18.46
N LYS A 191 -29.97 -3.00 -18.38
CA LYS A 191 -30.77 -3.42 -17.22
C LYS A 191 -29.84 -3.70 -16.02
N SER A 192 -28.61 -4.17 -16.25
CA SER A 192 -27.57 -4.34 -15.18
C SER A 192 -27.21 -2.97 -14.59
N ASP A 193 -27.14 -1.94 -15.44
CA ASP A 193 -26.86 -0.54 -15.02
C ASP A 193 -28.05 -0.01 -14.21
N VAL A 194 -29.28 -0.41 -14.56
CA VAL A 194 -30.48 -0.01 -13.78
C VAL A 194 -30.38 -0.61 -12.36
N TRP A 195 -29.88 -1.83 -12.23
CA TRP A 195 -29.67 -2.44 -10.89
C TRP A 195 -28.65 -1.58 -10.13
N ALA A 196 -27.50 -1.35 -10.74
CA ALA A 196 -26.39 -0.56 -10.16
C ALA A 196 -26.91 0.82 -9.76
N PHE A 197 -27.77 1.42 -10.60
CA PHE A 197 -28.35 2.77 -10.36
C PHE A 197 -29.15 2.76 -9.05
N GLY A 198 -29.90 1.68 -8.79
CA GLY A 198 -30.68 1.54 -7.55
C GLY A 198 -29.75 1.52 -6.35
N VAL A 199 -28.58 0.91 -6.49
CA VAL A 199 -27.58 0.88 -5.39
C VAL A 199 -27.03 2.31 -5.23
N LEU A 200 -26.75 2.98 -6.35
CA LEU A 200 -26.27 4.38 -6.37
C LEU A 200 -27.32 5.29 -5.68
N LEU A 201 -28.59 5.10 -5.98
CA LEU A 201 -29.68 5.89 -5.34
C LEU A 201 -29.70 5.65 -3.83
N TRP A 202 -29.39 4.43 -3.42
CA TRP A 202 -29.28 4.08 -1.99
C TRP A 202 -28.09 4.83 -1.38
N GLU A 203 -26.97 4.88 -2.10
CA GLU A 203 -25.79 5.66 -1.67
C GLU A 203 -26.18 7.13 -1.48
N ILE A 204 -26.99 7.69 -2.39
CA ILE A 204 -27.38 9.12 -2.34
C ILE A 204 -28.26 9.32 -1.09
N ALA A 205 -29.20 8.41 -0.86
CA ALA A 205 -30.25 8.53 0.18
C ALA A 205 -29.65 8.30 1.57
N THR A 206 -28.49 7.66 1.67
CA THR A 206 -27.76 7.46 2.95
C THR A 206 -26.56 8.41 3.09
N TYR A 207 -26.43 9.42 2.23
CA TYR A 207 -25.26 10.32 2.23
C TYR A 207 -23.98 9.49 2.23
N GLY A 208 -23.97 8.42 1.43
CA GLY A 208 -22.76 7.67 1.05
C GLY A 208 -22.35 6.62 2.05
N MET A 209 -23.29 5.87 2.61
CA MET A 209 -22.98 4.65 3.41
C MET A 209 -22.58 3.50 2.46
N SER A 210 -21.79 2.56 2.96
CA SER A 210 -21.38 1.32 2.24
C SER A 210 -22.60 0.43 2.10
N PRO A 211 -22.94 -0.04 0.87
CA PRO A 211 -24.08 -0.95 0.73
C PRO A 211 -23.83 -2.32 1.40
N TYR A 212 -24.90 -3.00 1.82
CA TYR A 212 -24.85 -4.35 2.44
C TYR A 212 -23.78 -4.40 3.53
N PRO A 213 -23.80 -3.47 4.51
CA PRO A 213 -22.72 -3.38 5.51
C PRO A 213 -22.52 -4.68 6.28
N GLY A 214 -21.27 -5.16 6.37
CA GLY A 214 -20.88 -6.33 7.18
C GLY A 214 -21.16 -7.66 6.49
N ILE A 215 -21.80 -7.65 5.31
CA ILE A 215 -22.17 -8.88 4.55
C ILE A 215 -20.98 -9.32 3.68
N ASP A 216 -20.51 -10.54 3.89
CA ASP A 216 -19.41 -11.17 3.11
C ASP A 216 -19.78 -11.14 1.63
N LEU A 217 -18.83 -10.74 0.79
CA LEU A 217 -19.04 -10.50 -0.67
C LEU A 217 -19.52 -11.79 -1.36
N SER A 218 -19.10 -12.96 -0.86
CA SER A 218 -19.47 -14.28 -1.45
C SER A 218 -20.93 -14.64 -1.19
N GLN A 219 -21.66 -13.93 -0.32
CA GLN A 219 -23.04 -14.33 0.07
C GLN A 219 -24.08 -13.35 -0.47
N VAL A 220 -23.66 -12.31 -1.18
CA VAL A 220 -24.59 -11.25 -1.69
C VAL A 220 -25.58 -11.90 -2.68
N TYR A 221 -25.08 -12.69 -3.62
CA TYR A 221 -25.90 -13.32 -4.68
C TYR A 221 -26.99 -14.18 -4.03
N GLU A 222 -26.59 -15.07 -3.11
CA GLU A 222 -27.53 -16.04 -2.49
C GLU A 222 -28.58 -15.27 -1.66
N LEU A 223 -28.20 -14.17 -0.99
CA LEU A 223 -29.20 -13.31 -0.30
C LEU A 223 -30.17 -12.72 -1.33
N LEU A 224 -29.66 -12.17 -2.43
CA LEU A 224 -30.50 -11.55 -3.49
C LEU A 224 -31.42 -12.61 -4.09
N GLU A 225 -30.87 -13.81 -4.33
CA GLU A 225 -31.58 -14.99 -4.88
C GLU A 225 -32.77 -15.31 -3.97
N LYS A 226 -32.60 -15.21 -2.64
CA LYS A 226 -33.70 -15.43 -1.66
C LYS A 226 -34.38 -14.09 -1.30
N ASP A 227 -34.48 -13.16 -2.26
CA ASP A 227 -35.39 -11.97 -2.21
C ASP A 227 -34.92 -10.93 -1.20
N TYR A 228 -33.73 -11.06 -0.63
CA TYR A 228 -33.19 -10.01 0.26
C TYR A 228 -32.88 -8.75 -0.57
N ARG A 229 -33.35 -7.60 -0.11
CA ARG A 229 -33.00 -6.27 -0.66
C ARG A 229 -32.71 -5.35 0.53
N MET A 230 -31.88 -4.32 0.35
CA MET A 230 -31.54 -3.37 1.44
C MET A 230 -32.80 -2.63 1.85
N GLU A 231 -32.94 -2.37 3.15
CA GLU A 231 -34.15 -1.71 3.70
C GLU A 231 -34.09 -0.22 3.34
N ARG A 232 -35.26 0.42 3.41
CA ARG A 232 -35.42 1.87 3.15
C ARG A 232 -34.47 2.60 4.09
N PRO A 233 -33.59 3.49 3.59
CA PRO A 233 -32.80 4.34 4.47
C PRO A 233 -33.64 5.33 5.29
N GLU A 234 -33.13 5.68 6.46
CA GLU A 234 -33.72 6.71 7.34
C GLU A 234 -34.06 7.94 6.50
N GLY A 235 -35.33 8.34 6.49
CA GLY A 235 -35.80 9.62 5.94
C GLY A 235 -36.02 9.56 4.44
N CYS A 236 -35.80 8.40 3.83
CA CYS A 236 -35.97 8.19 2.37
C CYS A 236 -37.45 8.21 2.05
N PRO A 237 -37.95 9.15 1.22
CA PRO A 237 -39.35 9.12 0.80
C PRO A 237 -39.71 7.75 0.23
N GLU A 238 -40.93 7.28 0.52
CA GLU A 238 -41.47 5.96 0.08
C GLU A 238 -41.43 5.84 -1.44
N LYS A 239 -41.77 6.89 -2.20
CA LYS A 239 -41.77 6.87 -3.69
C LYS A 239 -40.33 6.62 -4.19
N VAL A 240 -39.34 7.20 -3.52
CA VAL A 240 -37.91 7.03 -3.90
C VAL A 240 -37.52 5.58 -3.66
N TYR A 241 -37.93 5.03 -2.52
CA TYR A 241 -37.61 3.63 -2.12
C TYR A 241 -38.31 2.64 -3.06
N GLU A 242 -39.55 2.91 -3.46
CA GLU A 242 -40.26 2.06 -4.45
C GLU A 242 -39.43 1.99 -5.74
N LEU A 243 -38.87 3.11 -6.17
CA LEU A 243 -38.07 3.17 -7.40
C LEU A 243 -36.78 2.38 -7.24
N MET A 244 -36.11 2.47 -6.09
CA MET A 244 -34.96 1.57 -5.80
C MET A 244 -35.42 0.12 -6.02
N ARG A 245 -36.52 -0.26 -5.40
CA ARG A 245 -37.00 -1.68 -5.39
C ARG A 245 -37.30 -2.11 -6.83
N ALA A 246 -37.88 -1.23 -7.65
CA ALA A 246 -38.15 -1.52 -9.08
C ALA A 246 -36.81 -1.77 -9.80
N CYS A 247 -35.78 -0.98 -9.48
CA CYS A 247 -34.41 -1.17 -10.05
C CYS A 247 -33.85 -2.54 -9.63
N TRP A 248 -34.22 -3.06 -8.47
CA TRP A 248 -33.68 -4.35 -7.96
C TRP A 248 -34.62 -5.53 -8.24
N GLN A 249 -35.48 -5.46 -9.26
CA GLN A 249 -36.28 -6.62 -9.72
C GLN A 249 -35.33 -7.73 -10.17
N TRP A 250 -35.55 -8.95 -9.71
CA TRP A 250 -34.71 -10.13 -10.06
C TRP A 250 -34.64 -10.29 -11.59
N ASN A 251 -35.79 -10.21 -12.26
CA ASN A 251 -35.90 -10.35 -13.73
C ASN A 251 -35.52 -9.04 -14.37
N PRO A 252 -34.42 -8.97 -15.17
CA PRO A 252 -34.01 -7.73 -15.83
C PRO A 252 -35.12 -7.03 -16.64
N SER A 253 -36.02 -7.76 -17.27
CA SER A 253 -37.09 -7.18 -18.13
C SER A 253 -38.19 -6.55 -17.24
N ASP A 254 -38.19 -6.80 -15.93
CA ASP A 254 -39.15 -6.17 -14.98
C ASP A 254 -38.60 -4.85 -14.42
N ARG A 255 -37.31 -4.57 -14.58
CA ARG A 255 -36.70 -3.29 -14.15
C ARG A 255 -37.15 -2.19 -15.12
N PRO A 256 -37.43 -0.98 -14.64
CA PRO A 256 -37.83 0.10 -15.54
C PRO A 256 -36.64 0.59 -16.39
N SER A 257 -36.94 1.30 -17.48
CA SER A 257 -35.94 1.94 -18.35
C SER A 257 -35.41 3.19 -17.64
N PHE A 258 -34.18 3.60 -17.97
CA PHE A 258 -33.63 4.90 -17.50
C PHE A 258 -34.55 6.05 -17.93
N ALA A 259 -35.28 5.91 -19.05
CA ALA A 259 -36.23 6.97 -19.50
C ALA A 259 -37.38 7.07 -18.51
N GLU A 260 -37.93 5.92 -18.11
CA GLU A 260 -38.97 5.82 -17.06
C GLU A 260 -38.41 6.33 -15.72
N ILE A 261 -37.16 6.02 -15.37
CA ILE A 261 -36.56 6.44 -14.06
C ILE A 261 -36.44 7.97 -14.04
N HIS A 262 -35.92 8.56 -15.11
CA HIS A 262 -35.73 10.02 -15.22
C HIS A 262 -37.10 10.72 -15.13
N GLN A 263 -38.09 10.20 -15.84
CA GLN A 263 -39.46 10.78 -15.86
C GLN A 263 -40.06 10.72 -14.44
N ALA A 264 -39.87 9.61 -13.73
CA ALA A 264 -40.37 9.45 -12.35
C ALA A 264 -39.74 10.53 -11.44
N PHE A 265 -38.45 10.83 -11.61
CA PHE A 265 -37.77 11.87 -10.80
C PHE A 265 -38.33 13.25 -11.16
N GLU A 266 -38.46 13.55 -12.46
CA GLU A 266 -39.09 14.81 -12.94
C GLU A 266 -40.44 14.98 -12.24
N THR A 267 -41.26 13.93 -12.19
CA THR A 267 -42.63 13.97 -11.61
C THR A 267 -42.60 14.27 -10.11
N MET A 268 -41.61 13.77 -9.38
CA MET A 268 -41.50 13.92 -7.90
C MET A 268 -41.32 15.39 -7.50
N PHE A 269 -40.77 16.23 -8.38
CA PHE A 269 -40.49 17.65 -8.08
C PHE A 269 -41.83 18.39 -7.86
N GLN A 270 -42.10 18.82 -6.62
CA GLN A 270 -43.37 19.47 -6.21
C GLN A 270 -43.12 20.97 -5.96
N ASP B 5 0.14 3.14 27.14
CA ASP B 5 0.74 4.01 26.07
C ASP B 5 -0.14 5.27 25.93
N LYS B 6 0.42 6.45 26.23
CA LYS B 6 -0.34 7.74 26.27
C LYS B 6 -0.76 8.19 24.86
N TRP B 7 -0.14 7.65 23.81
CA TRP B 7 -0.41 8.02 22.40
C TRP B 7 -1.58 7.20 21.85
N GLU B 8 -1.86 6.03 22.44
CA GLU B 8 -2.92 5.11 21.97
C GLU B 8 -4.28 5.80 22.10
N MET B 9 -5.06 5.82 21.03
CA MET B 9 -6.46 6.30 21.07
C MET B 9 -7.34 5.27 20.36
N GLU B 10 -8.66 5.40 20.47
CA GLU B 10 -9.61 4.38 19.94
C GLU B 10 -9.96 4.70 18.48
N ARG B 11 -9.96 3.69 17.61
CA ARG B 11 -10.39 3.79 16.19
C ARG B 11 -11.69 4.60 16.12
N THR B 12 -12.61 4.38 17.07
CA THR B 12 -13.96 4.99 17.15
C THR B 12 -13.88 6.52 17.36
N ASP B 13 -12.75 7.04 17.87
CA ASP B 13 -12.51 8.49 18.11
C ASP B 13 -12.19 9.24 16.81
N ILE B 14 -11.82 8.56 15.72
CA ILE B 14 -11.48 9.18 14.41
C ILE B 14 -12.60 8.89 13.42
N THR B 15 -13.07 9.92 12.72
CA THR B 15 -13.92 9.81 11.51
C THR B 15 -13.01 9.97 10.29
N MET B 16 -12.89 8.91 9.48
CA MET B 16 -12.11 8.92 8.22
C MET B 16 -12.87 9.71 7.16
N LYS B 17 -12.14 10.56 6.42
CA LYS B 17 -12.66 11.36 5.28
C LYS B 17 -11.80 11.06 4.05
N HIS B 18 -11.76 11.95 3.06
CA HIS B 18 -11.22 11.70 1.69
C HIS B 18 -9.73 11.37 1.75
N LYS B 19 -9.28 10.61 0.76
CA LYS B 19 -7.85 10.28 0.56
C LYS B 19 -7.07 11.53 0.18
N LEU B 20 -5.91 11.72 0.80
CA LEU B 20 -4.95 12.82 0.53
C LEU B 20 -3.82 12.33 -0.39
N GLY B 21 -3.30 11.12 -0.15
CA GLY B 21 -2.26 10.53 -1.03
C GLY B 21 -1.55 9.33 -0.41
N GLY B 22 -0.22 9.35 -0.43
CA GLY B 22 0.66 8.37 0.24
C GLY B 22 0.75 7.07 -0.54
N TYR B 25 5.01 2.93 2.05
CA TYR B 25 4.77 3.53 3.40
C TYR B 25 3.37 3.15 3.89
N GLY B 26 2.34 3.59 3.15
CA GLY B 26 0.91 3.45 3.50
C GLY B 26 0.08 4.59 2.92
N GLU B 27 -1.22 4.56 3.17
CA GLU B 27 -2.23 5.48 2.57
C GLU B 27 -2.62 6.56 3.57
N VAL B 28 -2.64 7.82 3.14
CA VAL B 28 -2.96 8.99 4.01
C VAL B 28 -4.34 9.53 3.63
N TYR B 29 -5.17 9.69 4.65
CA TYR B 29 -6.56 10.18 4.55
C TYR B 29 -6.70 11.42 5.43
N GLU B 30 -7.59 12.32 5.02
CA GLU B 30 -8.09 13.38 5.91
C GLU B 30 -9.04 12.73 6.91
N GLY B 31 -9.04 13.23 8.14
CA GLY B 31 -9.94 12.74 9.20
C GLY B 31 -10.31 13.81 10.20
N VAL B 32 -11.21 13.44 11.10
CA VAL B 32 -11.65 14.30 12.23
C VAL B 32 -11.40 13.51 13.52
N TRP B 33 -10.61 14.09 14.40
CA TRP B 33 -10.49 13.70 15.83
C TRP B 33 -11.72 14.24 16.58
N LYS B 34 -12.70 13.38 16.86
CA LYS B 34 -14.06 13.75 17.31
C LYS B 34 -14.02 14.51 18.64
N LYS B 35 -13.05 14.20 19.50
CA LYS B 35 -12.91 14.84 20.83
C LYS B 35 -12.90 16.37 20.67
N TYR B 36 -12.13 16.92 19.74
CA TYR B 36 -12.01 18.39 19.53
C TYR B 36 -12.59 18.84 18.18
N SER B 37 -13.37 17.99 17.48
CA SER B 37 -13.84 18.19 16.07
C SER B 37 -12.70 18.74 15.21
N LEU B 38 -11.48 18.23 15.43
CA LEU B 38 -10.23 18.74 14.80
C LEU B 38 -9.95 17.95 13.52
N THR B 39 -9.74 18.67 12.42
CA THR B 39 -9.34 18.06 11.14
C THR B 39 -7.91 17.53 11.28
N VAL B 40 -7.68 16.27 10.95
CA VAL B 40 -6.36 15.60 11.10
C VAL B 40 -6.01 14.83 9.81
N ALA B 41 -4.76 14.41 9.74
CA ALA B 41 -4.25 13.44 8.75
C ALA B 41 -4.10 12.08 9.43
N VAL B 42 -4.58 11.04 8.76
CA VAL B 42 -4.53 9.63 9.23
C VAL B 42 -3.83 8.76 8.17
N LYS B 43 -2.72 8.14 8.58
CA LYS B 43 -1.98 7.14 7.77
C LYS B 43 -2.42 5.74 8.21
N THR B 44 -2.82 4.91 7.26
CA THR B 44 -3.31 3.53 7.53
C THR B 44 -2.58 2.54 6.63
N LEU B 45 -2.52 1.28 7.06
CA LEU B 45 -1.76 0.19 6.37
C LEU B 45 -2.67 -1.02 6.21
N LYS B 46 -2.65 -1.63 5.02
CA LYS B 46 -3.41 -2.86 4.65
C LYS B 46 -2.86 -4.04 5.45
N GLU B 47 -3.75 -4.72 6.20
CA GLU B 47 -3.52 -6.02 6.90
C GLU B 47 -2.09 -6.10 7.45
N ASP B 48 -1.43 -7.25 7.25
CA ASP B 48 -0.07 -7.57 7.76
C ASP B 48 0.87 -7.85 6.58
N THR B 49 1.52 -6.80 6.06
CA THR B 49 2.53 -6.85 4.97
C THR B 49 3.89 -6.49 5.56
N MET B 50 4.92 -6.50 4.73
CA MET B 50 6.31 -6.10 5.12
C MET B 50 6.29 -4.63 5.57
N GLU B 51 5.53 -3.79 4.86
CA GLU B 51 5.51 -2.31 5.04
C GLU B 51 5.01 -1.96 6.45
N VAL B 52 4.27 -2.86 7.11
CA VAL B 52 3.79 -2.74 8.52
C VAL B 52 4.96 -2.41 9.46
N GLU B 53 6.15 -2.93 9.18
CA GLU B 53 7.34 -2.80 10.06
C GLU B 53 7.84 -1.35 10.06
N GLU B 54 7.98 -0.78 8.85
CA GLU B 54 8.41 0.63 8.64
C GLU B 54 7.33 1.56 9.21
N PHE B 55 6.06 1.23 9.01
CA PHE B 55 4.89 1.98 9.54
C PHE B 55 5.03 2.14 11.06
N LEU B 56 5.26 1.03 11.78
CA LEU B 56 5.38 1.02 13.26
C LEU B 56 6.70 1.69 13.66
N LYS B 57 7.72 1.65 12.79
CA LYS B 57 8.99 2.38 13.03
C LYS B 57 8.67 3.88 13.03
N GLU B 58 7.92 4.36 12.04
CA GLU B 58 7.59 5.80 11.90
C GLU B 58 6.88 6.28 13.19
N ALA B 59 5.87 5.53 13.64
CA ALA B 59 5.10 5.81 14.87
C ALA B 59 6.07 6.02 16.04
N ALA B 60 7.02 5.11 16.24
CA ALA B 60 7.97 5.10 17.39
C ALA B 60 8.86 6.35 17.35
N VAL B 61 9.44 6.66 16.18
CA VAL B 61 10.29 7.87 15.98
C VAL B 61 9.49 9.14 16.30
N MET B 62 8.25 9.23 15.83
CA MET B 62 7.45 10.48 15.93
C MET B 62 7.01 10.72 17.39
N LYS B 63 7.06 9.71 18.25
CA LYS B 63 6.82 9.89 19.73
C LYS B 63 8.02 10.59 20.38
N GLU B 64 9.19 10.58 19.75
CA GLU B 64 10.48 11.01 20.36
C GLU B 64 10.82 12.44 19.93
N ILE B 65 10.25 12.94 18.84
CA ILE B 65 10.67 14.22 18.19
C ILE B 65 9.53 15.23 18.27
N LYS B 66 9.88 16.50 18.46
CA LYS B 66 8.95 17.64 18.63
C LYS B 66 9.67 18.92 18.22
N HIS B 67 9.12 19.64 17.24
CA HIS B 67 9.74 20.84 16.64
C HIS B 67 8.71 21.54 15.78
N PRO B 68 8.68 22.90 15.77
CA PRO B 68 7.76 23.66 14.94
C PRO B 68 7.69 23.24 13.46
N ASN B 69 8.79 22.73 12.91
CA ASN B 69 8.94 22.40 11.47
C ASN B 69 9.07 20.89 11.24
N LEU B 70 8.65 20.06 12.21
CA LEU B 70 8.39 18.60 12.02
C LEU B 70 6.90 18.36 12.21
N VAL B 71 6.29 17.54 11.36
CA VAL B 71 4.83 17.25 11.47
C VAL B 71 4.59 16.55 12.81
N GLN B 72 3.59 17.03 13.55
CA GLN B 72 3.36 16.66 14.97
C GLN B 72 2.43 15.45 15.04
N LEU B 73 2.91 14.38 15.65
CA LEU B 73 2.09 13.20 16.01
C LEU B 73 1.03 13.65 17.02
N LEU B 74 -0.21 13.16 16.87
CA LEU B 74 -1.33 13.37 17.81
C LEU B 74 -1.66 12.05 18.52
N GLY B 75 -1.60 10.93 17.81
CA GLY B 75 -1.63 9.60 18.42
C GLY B 75 -1.68 8.48 17.41
N VAL B 76 -1.91 7.28 17.91
CA VAL B 76 -1.77 6.01 17.14
C VAL B 76 -2.91 5.08 17.53
N CYS B 77 -3.27 4.17 16.63
CA CYS B 77 -4.04 2.94 16.90
C CYS B 77 -3.17 1.77 16.43
N THR B 78 -2.30 1.25 17.31
CA THR B 78 -1.31 0.19 16.98
C THR B 78 -1.57 -1.08 17.81
N ARG B 79 -2.74 -1.19 18.45
CA ARG B 79 -3.15 -2.35 19.29
C ARG B 79 -3.93 -3.38 18.44
N GLU B 80 -4.53 -2.98 17.31
CA GLU B 80 -5.29 -3.90 16.42
C GLU B 80 -5.50 -3.30 15.03
N PRO B 81 -5.49 -4.11 13.95
CA PRO B 81 -5.85 -3.63 12.61
C PRO B 81 -7.27 -3.08 12.52
N PRO B 82 -7.56 -2.13 11.60
CA PRO B 82 -6.53 -1.40 10.84
C PRO B 82 -5.68 -0.47 11.71
N PHE B 83 -4.38 -0.37 11.41
CA PHE B 83 -3.40 0.49 12.12
C PHE B 83 -3.55 1.92 11.60
N TYR B 84 -3.49 2.89 12.52
CA TYR B 84 -3.58 4.35 12.24
C TYR B 84 -2.41 5.06 12.90
N ILE B 85 -1.78 5.99 12.19
CA ILE B 85 -0.98 7.09 12.78
C ILE B 85 -1.73 8.38 12.47
N ILE B 86 -2.07 9.14 13.53
CA ILE B 86 -2.83 10.41 13.44
C ILE B 86 -1.84 11.55 13.71
N THR B 87 -1.82 12.53 12.81
CA THR B 87 -1.03 13.78 12.94
C THR B 87 -1.91 14.99 12.63
N GLU B 88 -1.38 16.17 12.88
CA GLU B 88 -1.98 17.46 12.48
C GLU B 88 -2.13 17.47 10.96
N PHE B 89 -3.15 18.17 10.46
CA PHE B 89 -3.41 18.33 9.01
C PHE B 89 -2.62 19.53 8.50
N MET B 90 -1.71 19.31 7.56
CA MET B 90 -1.06 20.40 6.80
C MET B 90 -1.94 20.71 5.57
N THR B 91 -2.40 21.95 5.46
CA THR B 91 -3.51 22.36 4.57
C THR B 91 -3.12 22.24 3.09
N TYR B 92 -1.92 22.69 2.73
CA TYR B 92 -1.54 22.94 1.32
C TYR B 92 -0.88 21.70 0.71
N GLY B 93 -0.64 20.65 1.50
CA GLY B 93 -0.05 19.40 0.98
C GLY B 93 1.44 19.50 0.69
N ASN B 94 1.96 18.67 -0.22
CA ASN B 94 3.43 18.43 -0.36
C ASN B 94 4.08 19.64 -1.04
N LEU B 95 5.30 19.96 -0.61
CA LEU B 95 6.07 21.16 -1.03
C LEU B 95 6.38 21.08 -2.51
N LEU B 96 6.59 19.89 -3.08
CA LEU B 96 7.00 19.80 -4.50
C LEU B 96 5.85 20.32 -5.37
N ASP B 97 4.64 19.84 -5.13
CA ASP B 97 3.43 20.26 -5.89
C ASP B 97 3.16 21.74 -5.61
N TYR B 98 3.37 22.19 -4.37
CA TYR B 98 3.16 23.60 -3.98
C TYR B 98 4.09 24.50 -4.81
N LEU B 99 5.38 24.17 -4.87
CA LEU B 99 6.38 24.94 -5.65
C LEU B 99 5.97 24.97 -7.13
N ARG B 100 5.56 23.83 -7.69
CA ARG B 100 5.30 23.75 -9.16
C ARG B 100 4.05 24.54 -9.52
N GLU B 101 3.13 24.74 -8.59
CA GLU B 101 1.76 25.26 -8.87
C GLU B 101 1.54 26.65 -8.28
N CYS B 102 2.45 27.16 -7.45
CA CYS B 102 2.25 28.42 -6.69
C CYS B 102 2.32 29.64 -7.61
N ASN B 103 1.67 30.71 -7.16
CA ASN B 103 1.78 32.10 -7.70
C ASN B 103 3.16 32.64 -7.30
N ARG B 104 4.05 32.82 -8.27
CA ARG B 104 5.46 33.17 -7.99
C ARG B 104 5.58 34.64 -7.54
N GLN B 105 4.57 35.48 -7.81
CA GLN B 105 4.45 36.84 -7.21
C GLN B 105 4.35 36.74 -5.69
N GLU B 106 3.69 35.70 -5.17
CA GLU B 106 3.54 35.49 -3.71
C GLU B 106 4.76 34.73 -3.20
N VAL B 107 5.02 33.55 -3.78
CA VAL B 107 6.14 32.66 -3.38
C VAL B 107 7.39 33.13 -4.13
N ASN B 108 7.99 34.19 -3.61
CA ASN B 108 9.12 34.92 -4.23
C ASN B 108 10.37 34.64 -3.38
N ALA B 109 11.42 35.44 -3.57
CA ALA B 109 12.79 35.19 -3.06
C ALA B 109 12.71 34.99 -1.55
N VAL B 110 12.06 35.89 -0.83
CA VAL B 110 12.03 35.85 0.66
C VAL B 110 11.29 34.59 1.12
N VAL B 111 10.29 34.12 0.36
CA VAL B 111 9.54 32.90 0.73
C VAL B 111 10.42 31.68 0.49
N LEU B 112 11.16 31.63 -0.62
CA LEU B 112 12.06 30.49 -0.89
C LEU B 112 13.06 30.41 0.26
N LEU B 113 13.59 31.56 0.70
CA LEU B 113 14.58 31.61 1.81
C LEU B 113 13.92 31.06 3.07
N TYR B 114 12.69 31.48 3.33
CA TYR B 114 11.92 31.13 4.55
C TYR B 114 11.71 29.61 4.60
N MET B 115 11.34 29.00 3.46
CA MET B 115 11.14 27.54 3.32
C MET B 115 12.46 26.81 3.61
N ALA B 116 13.58 27.26 3.04
CA ALA B 116 14.92 26.64 3.26
C ALA B 116 15.30 26.78 4.74
N THR B 117 15.02 27.93 5.32
CA THR B 117 15.37 28.25 6.73
C THR B 117 14.57 27.32 7.65
N GLN B 118 13.26 27.17 7.40
CA GLN B 118 12.39 26.27 8.22
C GLN B 118 12.90 24.83 8.17
N ILE B 119 13.24 24.34 6.98
CA ILE B 119 13.65 22.92 6.81
C ILE B 119 15.01 22.73 7.50
N SER B 120 15.95 23.68 7.34
CA SER B 120 17.30 23.60 7.96
C SER B 120 17.18 23.65 9.49
N SER B 121 16.12 24.29 10.01
CA SER B 121 15.87 24.42 11.47
C SER B 121 15.41 23.06 12.02
N ALA B 122 14.51 22.39 11.31
CA ALA B 122 14.05 21.03 11.65
C ALA B 122 15.25 20.07 11.64
N MET B 123 16.14 20.21 10.66
CA MET B 123 17.29 19.28 10.48
C MET B 123 18.37 19.63 11.50
N GLU B 124 18.51 20.92 11.87
CA GLU B 124 19.45 21.32 12.95
C GLU B 124 18.98 20.66 14.26
N TYR B 125 17.68 20.60 14.51
CA TYR B 125 17.09 19.94 15.70
C TYR B 125 17.42 18.45 15.67
N LEU B 126 17.18 17.76 14.55
CA LEU B 126 17.46 16.30 14.45
C LEU B 126 18.97 16.05 14.61
N GLU B 127 19.81 16.94 14.06
CA GLU B 127 21.29 16.90 14.18
C GLU B 127 21.70 16.92 15.66
N LYS B 128 21.30 17.94 16.42
CA LYS B 128 21.70 18.14 17.85
C LYS B 128 21.15 16.99 18.69
N LYS B 129 20.03 16.39 18.30
CA LYS B 129 19.43 15.20 18.98
C LYS B 129 20.04 13.88 18.47
N ASN B 130 20.98 13.95 17.52
CA ASN B 130 21.73 12.78 16.96
C ASN B 130 20.77 11.85 16.20
N PHE B 131 19.70 12.40 15.63
CA PHE B 131 18.86 11.69 14.64
C PHE B 131 19.42 11.89 13.23
N ILE B 132 19.01 11.03 12.30
CA ILE B 132 19.12 11.26 10.83
C ILE B 132 17.75 11.01 10.22
N HIS B 133 17.43 11.65 9.10
CA HIS B 133 16.09 11.60 8.48
C HIS B 133 16.05 10.52 7.40
N ARG B 134 16.97 10.58 6.42
CA ARG B 134 17.22 9.55 5.36
C ARG B 134 16.18 9.56 4.22
N ASP B 135 15.22 10.49 4.18
CA ASP B 135 14.35 10.65 2.97
C ASP B 135 13.94 12.12 2.81
N LEU B 136 14.90 13.03 2.97
CA LEU B 136 14.72 14.49 2.81
C LEU B 136 14.59 14.79 1.30
N ALA B 137 13.47 15.41 0.92
CA ALA B 137 13.12 15.79 -0.48
C ALA B 137 11.85 16.66 -0.46
N ALA B 138 11.61 17.46 -1.48
CA ALA B 138 10.47 18.40 -1.50
C ALA B 138 9.14 17.63 -1.41
N ARG B 139 9.05 16.45 -2.03
CA ARG B 139 7.84 15.59 -1.98
C ARG B 139 7.56 15.15 -0.53
N ASN B 140 8.57 15.16 0.36
CA ASN B 140 8.45 14.64 1.74
C ASN B 140 8.38 15.77 2.76
N CYS B 141 8.12 16.99 2.29
CA CYS B 141 7.80 18.17 3.15
C CYS B 141 6.36 18.59 2.87
N LEU B 142 5.70 19.20 3.86
CA LEU B 142 4.28 19.61 3.76
C LEU B 142 4.16 21.09 4.08
N VAL B 143 3.16 21.73 3.49
CA VAL B 143 3.00 23.22 3.53
C VAL B 143 1.69 23.54 4.24
N GLY B 144 1.73 24.54 5.12
CA GLY B 144 0.53 25.08 5.78
C GLY B 144 0.37 26.57 5.49
N GLU B 145 -0.42 27.23 6.34
CA GLU B 145 -0.80 28.65 6.21
C GLU B 145 0.47 29.50 6.28
N ASN B 146 0.51 30.57 5.51
CA ASN B 146 1.54 31.65 5.63
C ASN B 146 2.92 31.03 5.40
N HIS B 147 3.02 30.10 4.45
CA HIS B 147 4.30 29.54 3.94
C HIS B 147 5.00 28.69 5.00
N LEU B 148 4.25 28.20 5.99
CA LEU B 148 4.74 27.23 7.00
C LEU B 148 5.11 25.94 6.27
N VAL B 149 6.27 25.39 6.63
CA VAL B 149 6.86 24.16 6.01
C VAL B 149 7.33 23.25 7.13
N LYS B 150 6.88 22.01 7.06
CA LYS B 150 7.24 20.96 8.04
C LYS B 150 7.75 19.74 7.29
N VAL B 151 8.77 19.10 7.86
CA VAL B 151 9.39 17.88 7.30
C VAL B 151 8.51 16.70 7.72
N ALA B 152 8.29 15.76 6.81
CA ALA B 152 7.45 14.56 7.06
C ALA B 152 8.30 13.31 6.80
N ASP B 153 7.65 12.14 6.74
CA ASP B 153 8.20 10.84 6.30
C ASP B 153 9.40 10.46 7.18
N PHE B 154 9.15 9.84 8.32
CA PHE B 154 10.20 9.47 9.30
C PHE B 154 10.42 7.95 9.36
N GLY B 155 9.93 7.20 8.36
CA GLY B 155 10.00 5.73 8.29
C GLY B 155 11.43 5.19 8.37
N LEU B 156 12.40 5.90 7.78
CA LEU B 156 13.85 5.55 7.80
C LEU B 156 14.61 6.44 8.80
N SER B 157 13.92 7.37 9.48
CA SER B 157 14.55 8.21 10.53
C SER B 157 14.96 7.31 11.69
N ARG B 158 16.05 7.66 12.37
CA ARG B 158 16.65 6.82 13.45
C ARG B 158 17.41 7.72 14.43
N LEU B 159 17.36 7.35 15.71
CA LEU B 159 18.34 7.79 16.73
C LEU B 159 19.64 7.03 16.43
N MET B 160 20.77 7.73 16.31
CA MET B 160 22.08 7.15 15.90
C MET B 160 22.91 6.76 17.13
N THR B 161 23.46 5.54 17.14
CA THR B 161 24.33 4.97 18.19
C THR B 161 25.80 5.26 17.87
N GLY B 162 26.15 5.40 16.59
CA GLY B 162 27.48 5.84 16.11
C GLY B 162 27.35 6.97 15.10
N ASP B 163 28.46 7.42 14.53
CA ASP B 163 28.49 8.50 13.50
C ASP B 163 27.87 7.99 12.19
N THR B 164 28.03 6.69 11.89
CA THR B 164 27.50 6.07 10.64
C THR B 164 26.53 4.94 10.97
N TYR B 165 25.41 4.88 10.23
CA TYR B 165 24.50 3.72 10.16
C TYR B 165 24.70 3.11 8.77
N THR B 166 24.97 1.80 8.71
CA THR B 166 25.14 1.05 7.45
C THR B 166 23.83 0.32 7.18
N ALA B 167 23.11 0.71 6.12
CA ALA B 167 21.82 0.10 5.74
C ALA B 167 22.05 -1.35 5.27
N HIS B 168 21.03 -2.20 5.40
CA HIS B 168 21.11 -3.66 5.17
C HIS B 168 21.29 -3.93 3.67
N ALA B 169 21.83 -5.11 3.35
CA ALA B 169 22.22 -5.51 1.98
C ALA B 169 21.03 -5.33 1.02
N GLY B 170 21.26 -4.62 -0.09
CA GLY B 170 20.32 -4.47 -1.21
C GLY B 170 19.20 -3.48 -0.93
N ALA B 171 19.38 -2.54 0.01
CA ALA B 171 18.38 -1.49 0.34
C ALA B 171 18.26 -0.53 -0.87
N LYS B 172 17.03 -0.16 -1.23
CA LYS B 172 16.68 0.65 -2.44
C LYS B 172 16.51 2.13 -2.07
N PHE B 173 17.24 3.06 -2.71
CA PHE B 173 17.28 4.51 -2.35
C PHE B 173 16.76 5.40 -3.48
N PRO B 174 16.22 6.60 -3.15
CA PRO B 174 15.94 7.63 -4.16
C PRO B 174 17.27 8.22 -4.68
N ILE B 175 17.74 7.68 -5.80
CA ILE B 175 19.15 7.83 -6.28
C ILE B 175 19.54 9.32 -6.35
N LYS B 176 18.69 10.20 -6.91
CA LYS B 176 19.07 11.62 -7.19
C LYS B 176 19.15 12.45 -5.90
N TRP B 177 18.65 11.96 -4.77
CA TRP B 177 18.71 12.66 -3.45
C TRP B 177 19.79 12.01 -2.55
N THR B 178 20.42 10.93 -3.00
CA THR B 178 21.22 10.04 -2.13
C THR B 178 22.72 10.34 -2.27
N ALA B 179 23.39 10.50 -1.13
CA ALA B 179 24.84 10.80 -1.04
C ALA B 179 25.64 9.67 -1.68
N PRO B 180 26.82 9.97 -2.24
CA PRO B 180 27.67 8.94 -2.86
C PRO B 180 28.10 7.80 -1.92
N GLU B 181 28.51 8.12 -0.69
CA GLU B 181 28.90 7.09 0.31
C GLU B 181 27.69 6.16 0.57
N SER B 182 26.46 6.67 0.44
CA SER B 182 25.23 5.88 0.66
C SER B 182 24.96 5.00 -0.56
N LEU B 183 25.17 5.51 -1.78
CA LEU B 183 24.97 4.73 -3.03
C LEU B 183 26.05 3.65 -3.15
N ALA B 184 27.29 3.98 -2.82
CA ALA B 184 28.46 3.10 -3.01
C ALA B 184 28.53 2.05 -1.89
N TYR B 185 28.37 2.45 -0.62
CA TYR B 185 28.70 1.63 0.58
C TYR B 185 27.51 1.45 1.54
N ASN B 186 26.33 1.95 1.19
CA ASN B 186 25.10 1.93 2.05
C ASN B 186 25.34 2.63 3.40
N LYS B 187 26.30 3.56 3.49
CA LYS B 187 26.61 4.29 4.75
C LYS B 187 25.74 5.55 4.80
N PHE B 188 25.02 5.75 5.91
CA PHE B 188 24.25 7.00 6.17
C PHE B 188 24.77 7.69 7.43
N SER B 189 24.75 9.01 7.38
CA SER B 189 25.05 9.91 8.53
C SER B 189 24.24 11.19 8.34
N ILE B 190 24.30 12.07 9.35
CA ILE B 190 23.67 13.40 9.26
C ILE B 190 24.24 14.10 8.01
N LYS B 191 25.48 13.77 7.63
CA LYS B 191 26.15 14.38 6.46
C LYS B 191 25.52 13.90 5.15
N SER B 192 24.95 12.69 5.11
CA SER B 192 24.20 12.23 3.90
C SER B 192 22.85 12.94 3.85
N ASP B 193 22.31 13.37 4.99
CA ASP B 193 21.08 14.23 5.03
C ASP B 193 21.47 15.62 4.50
N VAL B 194 22.66 16.10 4.83
CA VAL B 194 23.13 17.43 4.33
C VAL B 194 23.20 17.37 2.80
N TRP B 195 23.66 16.27 2.23
CA TRP B 195 23.67 16.06 0.77
C TRP B 195 22.23 16.17 0.23
N ALA B 196 21.32 15.38 0.77
CA ALA B 196 19.90 15.34 0.38
C ALA B 196 19.32 16.75 0.49
N PHE B 197 19.75 17.49 1.50
CA PHE B 197 19.23 18.85 1.76
C PHE B 197 19.63 19.79 0.62
N GLY B 198 20.88 19.68 0.17
CA GLY B 198 21.35 20.44 -1.01
C GLY B 198 20.46 20.17 -2.22
N VAL B 199 20.06 18.92 -2.45
CA VAL B 199 19.16 18.59 -3.59
C VAL B 199 17.79 19.24 -3.33
N LEU B 200 17.28 19.18 -2.10
CA LEU B 200 15.99 19.84 -1.71
C LEU B 200 16.10 21.33 -1.97
N LEU B 201 17.23 21.96 -1.62
CA LEU B 201 17.47 23.42 -1.83
C LEU B 201 17.42 23.75 -3.33
N TRP B 202 17.95 22.85 -4.15
CA TRP B 202 17.89 22.95 -5.63
C TRP B 202 16.44 22.82 -6.09
N GLU B 203 15.66 21.88 -5.53
CA GLU B 203 14.22 21.76 -5.86
C GLU B 203 13.50 23.08 -5.53
N ILE B 204 13.78 23.67 -4.37
CA ILE B 204 13.18 24.97 -3.97
C ILE B 204 13.59 26.05 -4.99
N ALA B 205 14.87 26.14 -5.31
CA ALA B 205 15.43 27.21 -6.16
C ALA B 205 14.90 27.11 -7.60
N THR B 206 14.45 25.93 -8.04
CA THR B 206 13.91 25.72 -9.41
C THR B 206 12.37 25.62 -9.42
N TYR B 207 11.70 25.89 -8.28
CA TYR B 207 10.23 25.78 -8.14
C TYR B 207 9.81 24.35 -8.51
N GLY B 208 10.62 23.36 -8.11
CA GLY B 208 10.26 21.93 -8.17
C GLY B 208 10.58 21.28 -9.51
N MET B 209 11.69 21.62 -10.15
CA MET B 209 12.21 20.84 -11.28
C MET B 209 12.73 19.51 -10.72
N SER B 210 12.72 18.45 -11.54
CA SER B 210 13.35 17.15 -11.22
C SER B 210 14.86 17.33 -11.24
N PRO B 211 15.60 16.81 -10.23
CA PRO B 211 17.05 16.93 -10.20
C PRO B 211 17.74 16.17 -11.35
N TYR B 212 18.92 16.65 -11.76
CA TYR B 212 19.74 16.07 -12.85
C TYR B 212 18.82 15.82 -14.04
N PRO B 213 18.17 16.87 -14.58
CA PRO B 213 17.13 16.68 -15.58
C PRO B 213 17.68 15.96 -16.82
N GLY B 214 16.98 14.92 -17.27
CA GLY B 214 17.33 14.13 -18.46
C GLY B 214 18.40 13.09 -18.17
N ILE B 215 19.07 13.16 -17.01
CA ILE B 215 20.21 12.25 -16.70
C ILE B 215 19.64 10.92 -16.21
N ASP B 216 20.06 9.84 -16.86
CA ASP B 216 19.67 8.44 -16.55
C ASP B 216 20.08 8.13 -15.10
N LEU B 217 19.24 7.45 -14.32
CA LEU B 217 19.52 7.08 -12.91
C LEU B 217 20.83 6.30 -12.76
N SER B 218 21.11 5.35 -13.65
CA SER B 218 22.29 4.45 -13.58
C SER B 218 23.58 5.21 -13.83
N GLN B 219 23.51 6.45 -14.36
CA GLN B 219 24.72 7.25 -14.70
C GLN B 219 25.02 8.29 -13.61
N VAL B 220 24.16 8.46 -12.59
CA VAL B 220 24.30 9.59 -11.63
C VAL B 220 25.55 9.39 -10.76
N TYR B 221 25.78 8.22 -10.20
CA TYR B 221 26.93 7.96 -9.30
C TYR B 221 28.24 8.26 -10.04
N GLU B 222 28.35 7.76 -11.28
CA GLU B 222 29.56 7.89 -12.15
C GLU B 222 29.83 9.37 -12.38
N LEU B 223 28.81 10.15 -12.75
CA LEU B 223 28.92 11.62 -12.91
C LEU B 223 29.38 12.27 -11.59
N LEU B 224 28.77 11.90 -10.47
CA LEU B 224 29.18 12.47 -9.15
C LEU B 224 30.67 12.18 -8.89
N GLU B 225 31.15 10.96 -9.21
CA GLU B 225 32.55 10.54 -8.94
C GLU B 225 33.53 11.36 -9.79
N LYS B 226 33.11 11.85 -10.95
CA LYS B 226 33.92 12.73 -11.82
C LYS B 226 33.69 14.20 -11.45
N ASP B 227 32.98 14.47 -10.34
CA ASP B 227 32.79 15.84 -9.81
C ASP B 227 31.82 16.63 -10.72
N TYR B 228 30.92 15.96 -11.43
CA TYR B 228 29.75 16.65 -12.00
C TYR B 228 28.80 17.04 -10.85
N ARG B 229 28.36 18.29 -10.86
CA ARG B 229 27.28 18.79 -9.97
C ARG B 229 26.26 19.54 -10.83
N MET B 230 25.01 19.55 -10.39
CA MET B 230 23.94 20.31 -11.06
C MET B 230 24.38 21.77 -11.15
N GLU B 231 23.95 22.46 -12.21
CA GLU B 231 24.31 23.88 -12.46
C GLU B 231 23.50 24.77 -11.52
N ARG B 232 24.01 25.99 -11.28
CA ARG B 232 23.30 27.10 -10.60
C ARG B 232 21.93 27.29 -11.28
N PRO B 233 20.80 27.13 -10.56
CA PRO B 233 19.49 27.42 -11.14
C PRO B 233 19.36 28.88 -11.59
N GLU B 234 18.56 29.11 -12.64
CA GLU B 234 18.16 30.46 -13.09
C GLU B 234 17.73 31.28 -11.88
N GLY B 235 18.31 32.47 -11.70
CA GLY B 235 17.95 33.45 -10.66
C GLY B 235 18.44 33.09 -9.26
N CYS B 236 19.20 31.99 -9.10
CA CYS B 236 19.62 31.52 -7.76
C CYS B 236 20.76 32.42 -7.29
N PRO B 237 20.64 33.16 -6.18
CA PRO B 237 21.76 33.96 -5.68
C PRO B 237 23.01 33.09 -5.49
N GLU B 238 24.18 33.64 -5.81
CA GLU B 238 25.49 32.94 -5.79
C GLU B 238 25.74 32.34 -4.41
N LYS B 239 25.45 33.09 -3.34
CA LYS B 239 25.66 32.66 -1.94
C LYS B 239 24.83 31.40 -1.66
N VAL B 240 23.62 31.31 -2.21
CA VAL B 240 22.73 30.13 -2.02
C VAL B 240 23.30 28.94 -2.81
N TYR B 241 23.73 29.16 -4.05
CA TYR B 241 24.34 28.08 -4.87
C TYR B 241 25.62 27.56 -4.21
N GLU B 242 26.41 28.45 -3.61
CA GLU B 242 27.66 28.06 -2.92
C GLU B 242 27.28 27.10 -1.79
N LEU B 243 26.18 27.37 -1.09
CA LEU B 243 25.71 26.49 0.01
C LEU B 243 25.28 25.12 -0.54
N MET B 244 24.58 25.06 -1.70
CA MET B 244 24.28 23.75 -2.35
C MET B 244 25.59 22.97 -2.59
N ARG B 245 26.62 23.66 -3.11
CA ARG B 245 27.89 23.01 -3.56
C ARG B 245 28.66 22.49 -2.34
N ALA B 246 28.57 23.16 -1.19
CA ALA B 246 29.17 22.69 0.08
C ALA B 246 28.44 21.41 0.57
N CYS B 247 27.11 21.40 0.50
CA CYS B 247 26.29 20.19 0.78
C CYS B 247 26.70 19.01 -0.12
N TRP B 248 27.19 19.27 -1.35
CA TRP B 248 27.53 18.19 -2.31
C TRP B 248 29.04 17.93 -2.34
N GLN B 249 29.75 18.29 -1.27
CA GLN B 249 31.19 17.90 -1.12
C GLN B 249 31.24 16.36 -1.17
N TRP B 250 32.17 15.82 -1.95
CA TRP B 250 32.35 14.35 -2.10
C TRP B 250 32.55 13.71 -0.72
N ASN B 251 33.44 14.24 0.10
CA ASN B 251 33.77 13.67 1.44
C ASN B 251 32.73 14.18 2.43
N PRO B 252 32.01 13.30 3.14
CA PRO B 252 31.02 13.70 4.16
C PRO B 252 31.49 14.76 5.16
N SER B 253 32.72 14.66 5.68
CA SER B 253 33.24 15.56 6.75
C SER B 253 33.53 16.95 6.19
N ASP B 254 33.58 17.11 4.86
CA ASP B 254 33.78 18.43 4.22
C ASP B 254 32.43 19.15 4.06
N ARG B 255 31.30 18.46 4.29
CA ARG B 255 29.95 19.08 4.20
C ARG B 255 29.68 19.82 5.51
N PRO B 256 29.04 21.01 5.46
CA PRO B 256 28.74 21.75 6.68
C PRO B 256 27.67 21.05 7.52
N SER B 257 27.57 21.44 8.79
CA SER B 257 26.47 21.01 9.69
C SER B 257 25.18 21.73 9.28
N PHE B 258 24.05 21.22 9.74
CA PHE B 258 22.75 21.92 9.64
C PHE B 258 22.79 23.21 10.46
N ALA B 259 23.45 23.19 11.63
CA ALA B 259 23.67 24.41 12.46
C ALA B 259 24.29 25.49 11.59
N GLU B 260 25.37 25.17 10.90
CA GLU B 260 26.06 26.15 10.02
C GLU B 260 25.11 26.59 8.88
N ILE B 261 24.35 25.66 8.31
CA ILE B 261 23.41 25.94 7.18
C ILE B 261 22.32 26.89 7.66
N HIS B 262 21.68 26.54 8.78
CA HIS B 262 20.63 27.40 9.39
C HIS B 262 21.23 28.78 9.67
N GLN B 263 22.40 28.81 10.29
CA GLN B 263 23.17 30.06 10.59
C GLN B 263 23.31 30.87 9.29
N ALA B 264 23.74 30.23 8.20
CA ALA B 264 24.02 30.95 6.93
C ALA B 264 22.72 31.56 6.39
N PHE B 265 21.59 30.86 6.50
CA PHE B 265 20.28 31.33 5.97
C PHE B 265 19.79 32.53 6.79
N GLU B 266 19.94 32.48 8.12
CA GLU B 266 19.59 33.62 9.03
C GLU B 266 20.40 34.85 8.63
N THR B 267 21.71 34.72 8.41
CA THR B 267 22.64 35.82 8.03
C THR B 267 22.25 36.43 6.68
N MET B 268 21.73 35.63 5.75
CA MET B 268 21.34 36.07 4.39
C MET B 268 20.19 37.08 4.45
N PHE B 269 19.33 36.98 5.47
CA PHE B 269 18.13 37.84 5.58
C PHE B 269 18.57 39.30 5.79
N GLN B 270 18.24 40.15 4.81
CA GLN B 270 18.60 41.60 4.78
C GLN B 270 17.63 42.37 5.66
N LYS C 6 -19.82 -30.00 7.50
CA LYS C 6 -19.65 -28.56 7.16
C LYS C 6 -18.43 -28.38 6.26
N TRP C 7 -17.76 -29.49 5.94
CA TRP C 7 -16.35 -29.53 5.46
C TRP C 7 -16.30 -30.21 4.09
N GLU C 8 -16.80 -31.45 4.03
CA GLU C 8 -16.76 -32.29 2.80
C GLU C 8 -17.32 -31.40 1.66
N MET C 9 -16.55 -31.24 0.57
CA MET C 9 -16.91 -30.46 -0.65
C MET C 9 -17.39 -31.45 -1.72
N GLU C 10 -17.84 -30.94 -2.87
CA GLU C 10 -18.30 -31.75 -4.03
C GLU C 10 -17.10 -31.99 -4.96
N ARG C 11 -16.63 -33.25 -5.06
CA ARG C 11 -15.48 -33.66 -5.92
C ARG C 11 -15.64 -33.11 -7.34
N THR C 12 -16.88 -33.08 -7.85
CA THR C 12 -17.25 -32.66 -9.23
C THR C 12 -17.15 -31.13 -9.40
N ASP C 13 -17.11 -30.36 -8.30
CA ASP C 13 -16.88 -28.89 -8.30
C ASP C 13 -15.47 -28.57 -8.81
N ILE C 14 -14.44 -29.24 -8.26
CA ILE C 14 -12.99 -29.00 -8.57
C ILE C 14 -12.61 -29.73 -9.86
N THR C 15 -11.84 -29.07 -10.73
CA THR C 15 -11.32 -29.59 -12.02
C THR C 15 -9.79 -29.78 -11.92
N MET C 16 -9.35 -30.96 -11.45
CA MET C 16 -7.91 -31.30 -11.26
C MET C 16 -7.16 -31.12 -12.59
N LYS C 17 -6.05 -30.35 -12.57
CA LYS C 17 -5.16 -30.05 -13.74
C LYS C 17 -3.78 -30.64 -13.48
N HIS C 18 -2.76 -30.22 -14.25
CA HIS C 18 -1.35 -30.70 -14.16
C HIS C 18 -0.90 -30.77 -12.70
N LYS C 19 -0.43 -31.94 -12.26
CA LYS C 19 0.08 -32.18 -10.87
C LYS C 19 1.47 -31.53 -10.71
N LEU C 20 1.88 -31.29 -9.45
CA LEU C 20 3.15 -30.62 -9.08
C LEU C 20 3.90 -31.50 -8.07
N VAL C 28 0.15 -34.08 -4.74
CA VAL C 28 0.26 -32.60 -4.91
C VAL C 28 -0.22 -32.20 -6.31
N TYR C 29 -1.53 -32.01 -6.47
CA TYR C 29 -2.22 -31.65 -7.75
C TYR C 29 -2.79 -30.23 -7.67
N GLU C 30 -2.59 -29.44 -8.73
CA GLU C 30 -3.18 -28.09 -8.91
C GLU C 30 -4.50 -28.23 -9.68
N GLY C 31 -5.61 -27.72 -9.13
CA GLY C 31 -6.95 -27.74 -9.76
C GLY C 31 -7.54 -26.35 -9.93
N VAL C 32 -8.86 -26.26 -10.15
CA VAL C 32 -9.65 -25.00 -10.30
C VAL C 32 -11.06 -25.21 -9.72
N TRP C 33 -11.51 -24.35 -8.80
CA TRP C 33 -12.80 -24.48 -8.06
C TRP C 33 -13.94 -23.89 -8.90
N THR C 39 -7.36 -20.63 -9.15
CA THR C 39 -6.68 -21.95 -9.01
C THR C 39 -6.55 -22.29 -7.52
N VAL C 40 -6.50 -23.59 -7.18
CA VAL C 40 -6.34 -24.11 -5.79
C VAL C 40 -5.35 -25.29 -5.78
N ALA C 41 -4.88 -25.67 -4.60
CA ALA C 41 -3.98 -26.84 -4.39
C ALA C 41 -4.83 -28.05 -4.02
N VAL C 42 -4.46 -29.25 -4.50
CA VAL C 42 -5.25 -30.50 -4.31
C VAL C 42 -4.31 -31.69 -4.04
N LYS C 43 -4.30 -32.20 -2.80
CA LYS C 43 -3.58 -33.45 -2.42
C LYS C 43 -4.51 -34.65 -2.66
N THR C 44 -4.01 -35.67 -3.38
CA THR C 44 -4.77 -36.85 -3.89
C THR C 44 -4.36 -38.11 -3.12
N GLU C 51 -1.73 -44.16 4.94
CA GLU C 51 -3.13 -44.67 4.87
C GLU C 51 -4.10 -43.52 5.16
N VAL C 52 -5.41 -43.81 5.17
CA VAL C 52 -6.50 -42.84 5.46
C VAL C 52 -6.54 -42.56 6.98
N GLU C 53 -6.04 -43.50 7.79
CA GLU C 53 -6.00 -43.39 9.27
C GLU C 53 -5.34 -42.07 9.67
N GLU C 54 -4.08 -41.85 9.26
CA GLU C 54 -3.30 -40.62 9.53
C GLU C 54 -3.80 -39.48 8.62
N PHE C 55 -4.18 -39.78 7.37
CA PHE C 55 -4.68 -38.81 6.36
C PHE C 55 -5.81 -37.97 6.97
N LEU C 56 -6.88 -38.64 7.44
CA LEU C 56 -8.09 -38.01 8.03
C LEU C 56 -7.75 -37.39 9.39
N LYS C 57 -6.71 -37.90 10.07
CA LYS C 57 -6.18 -37.32 11.33
C LYS C 57 -5.53 -35.96 11.04
N GLU C 58 -4.74 -35.86 9.95
CA GLU C 58 -4.11 -34.59 9.47
C GLU C 58 -5.22 -33.64 9.00
N ALA C 59 -6.12 -34.13 8.12
CA ALA C 59 -7.23 -33.35 7.53
C ALA C 59 -8.09 -32.72 8.64
N ALA C 60 -8.30 -33.44 9.75
CA ALA C 60 -9.04 -32.97 10.94
C ALA C 60 -8.30 -31.79 11.59
N VAL C 61 -6.97 -31.90 11.74
CA VAL C 61 -6.07 -30.87 12.34
C VAL C 61 -6.08 -29.61 11.46
N MET C 62 -6.05 -29.77 10.13
CA MET C 62 -6.05 -28.64 9.14
C MET C 62 -7.40 -27.91 9.15
N LYS C 63 -8.47 -28.58 9.60
CA LYS C 63 -9.81 -27.95 9.80
C LYS C 63 -9.72 -26.92 10.93
N GLU C 64 -8.87 -27.14 11.94
CA GLU C 64 -8.83 -26.37 13.21
C GLU C 64 -7.81 -25.20 13.18
N ILE C 65 -7.19 -24.87 12.05
CA ILE C 65 -6.09 -23.85 11.99
C ILE C 65 -6.46 -22.67 11.08
N LYS C 66 -6.17 -21.46 11.55
CA LYS C 66 -6.39 -20.16 10.83
C LYS C 66 -5.26 -19.20 11.21
N HIS C 67 -4.31 -18.96 10.29
CA HIS C 67 -3.20 -17.97 10.43
C HIS C 67 -2.87 -17.44 9.04
N PRO C 68 -2.53 -16.14 8.88
CA PRO C 68 -2.15 -15.62 7.57
C PRO C 68 -0.89 -16.29 6.97
N ASN C 69 -0.11 -16.99 7.80
CA ASN C 69 1.20 -17.62 7.43
C ASN C 69 1.14 -19.14 7.63
N LEU C 70 -0.07 -19.71 7.64
CA LEU C 70 -0.32 -21.17 7.46
C LEU C 70 -1.21 -21.34 6.22
N VAL C 71 -1.03 -22.44 5.50
CA VAL C 71 -1.85 -22.75 4.29
C VAL C 71 -3.28 -22.98 4.75
N GLN C 72 -4.23 -22.19 4.24
CA GLN C 72 -5.66 -22.26 4.62
C GLN C 72 -6.32 -23.43 3.87
N LEU C 73 -6.90 -24.39 4.61
CA LEU C 73 -7.70 -25.50 4.03
C LEU C 73 -9.03 -24.93 3.51
N LEU C 74 -9.60 -25.57 2.48
CA LEU C 74 -10.89 -25.20 1.85
C LEU C 74 -11.74 -26.45 1.63
N ILE C 85 -7.83 -33.78 -0.06
CA ILE C 85 -7.87 -32.50 0.72
C ILE C 85 -7.52 -31.34 -0.22
N ILE C 86 -8.20 -30.20 -0.06
CA ILE C 86 -8.06 -28.99 -0.94
C ILE C 86 -7.72 -27.78 -0.08
N THR C 87 -6.72 -27.00 -0.51
CA THR C 87 -6.25 -25.75 0.15
C THR C 87 -6.11 -24.65 -0.92
N GLU C 88 -5.81 -23.42 -0.48
CA GLU C 88 -5.46 -22.29 -1.36
C GLU C 88 -4.24 -22.71 -2.21
N PHE C 89 -3.94 -21.93 -3.25
CA PHE C 89 -2.78 -22.15 -4.16
C PHE C 89 -1.72 -21.07 -3.94
N MET C 90 -0.54 -21.48 -3.47
CA MET C 90 0.65 -20.60 -3.36
C MET C 90 1.33 -20.56 -4.73
N THR C 91 1.46 -19.37 -5.31
CA THR C 91 1.78 -19.16 -6.75
C THR C 91 3.18 -19.69 -7.08
N TYR C 92 4.19 -19.32 -6.28
CA TYR C 92 5.64 -19.44 -6.64
C TYR C 92 6.22 -20.77 -6.13
N GLY C 93 5.47 -21.56 -5.37
CA GLY C 93 5.90 -22.88 -4.89
C GLY C 93 6.80 -22.77 -3.67
N ASN C 94 7.62 -23.80 -3.42
CA ASN C 94 8.35 -23.99 -2.13
C ASN C 94 9.53 -23.01 -2.03
N LEU C 95 9.81 -22.54 -0.81
CA LEU C 95 10.76 -21.45 -0.50
C LEU C 95 12.19 -21.83 -0.93
N LEU C 96 12.60 -23.09 -0.73
CA LEU C 96 13.96 -23.58 -1.08
C LEU C 96 14.24 -23.29 -2.56
N ASP C 97 13.42 -23.82 -3.47
CA ASP C 97 13.53 -23.60 -4.93
C ASP C 97 13.43 -22.09 -5.22
N TYR C 98 12.52 -21.39 -4.56
CA TYR C 98 12.33 -19.93 -4.73
C TYR C 98 13.63 -19.20 -4.35
N LEU C 99 14.24 -19.56 -3.22
CA LEU C 99 15.50 -18.93 -2.75
C LEU C 99 16.64 -19.21 -3.75
N ARG C 100 16.73 -20.45 -4.25
CA ARG C 100 17.81 -20.89 -5.20
C ARG C 100 17.68 -20.13 -6.53
N GLU C 101 16.47 -19.78 -6.98
CA GLU C 101 16.22 -19.23 -8.34
C GLU C 101 15.97 -17.72 -8.31
N CYS C 102 15.67 -17.14 -7.14
CA CYS C 102 15.23 -15.72 -7.02
C CYS C 102 16.33 -14.75 -7.49
N ASN C 103 15.90 -13.60 -8.01
CA ASN C 103 16.70 -12.36 -8.19
C ASN C 103 17.06 -11.86 -6.77
N ARG C 104 18.35 -11.86 -6.42
CA ARG C 104 18.81 -11.54 -5.03
C ARG C 104 18.82 -10.03 -4.79
N GLN C 105 18.67 -9.20 -5.83
CA GLN C 105 18.51 -7.73 -5.70
C GLN C 105 17.06 -7.40 -5.35
N GLU C 106 16.10 -8.23 -5.77
CA GLU C 106 14.69 -8.16 -5.28
C GLU C 106 14.65 -8.78 -3.87
N VAL C 107 15.06 -10.06 -3.76
CA VAL C 107 15.09 -10.81 -2.48
C VAL C 107 16.36 -10.41 -1.73
N ASN C 108 16.32 -9.19 -1.19
CA ASN C 108 17.43 -8.55 -0.44
C ASN C 108 17.23 -8.88 1.05
N ALA C 109 18.09 -8.34 1.91
CA ALA C 109 18.11 -8.58 3.38
C ALA C 109 16.72 -8.43 4.00
N VAL C 110 16.06 -7.28 3.80
CA VAL C 110 14.76 -6.99 4.46
C VAL C 110 13.74 -8.07 4.06
N VAL C 111 13.78 -8.57 2.82
CA VAL C 111 12.84 -9.64 2.37
C VAL C 111 13.19 -10.95 3.11
N LEU C 112 14.48 -11.29 3.25
CA LEU C 112 14.90 -12.50 4.01
C LEU C 112 14.34 -12.41 5.44
N LEU C 113 14.43 -11.25 6.08
CA LEU C 113 13.89 -11.06 7.46
C LEU C 113 12.38 -11.25 7.43
N TYR C 114 11.70 -10.60 6.49
CA TYR C 114 10.23 -10.75 6.30
C TYR C 114 9.86 -12.24 6.17
N MET C 115 10.61 -13.01 5.37
CA MET C 115 10.30 -14.46 5.19
C MET C 115 10.53 -15.20 6.53
N ALA C 116 11.64 -14.92 7.22
CA ALA C 116 11.96 -15.53 8.54
C ALA C 116 10.87 -15.17 9.55
N THR C 117 10.44 -13.91 9.58
CA THR C 117 9.40 -13.40 10.53
C THR C 117 8.07 -14.12 10.30
N GLN C 118 7.63 -14.23 9.05
CA GLN C 118 6.33 -14.83 8.68
C GLN C 118 6.28 -16.27 9.20
N ILE C 119 7.39 -17.01 9.07
CA ILE C 119 7.45 -18.45 9.44
C ILE C 119 7.43 -18.56 10.97
N SER C 120 8.15 -17.71 11.69
CA SER C 120 8.19 -17.71 13.17
C SER C 120 6.80 -17.37 13.74
N SER C 121 6.05 -16.50 13.05
CA SER C 121 4.65 -16.11 13.43
C SER C 121 3.75 -17.35 13.36
N ALA C 122 3.75 -18.04 12.20
CA ALA C 122 3.06 -19.33 12.03
C ALA C 122 3.45 -20.31 13.15
N MET C 123 4.74 -20.41 13.48
CA MET C 123 5.23 -21.37 14.51
C MET C 123 4.86 -20.88 15.92
N GLU C 124 4.73 -19.56 16.12
CA GLU C 124 4.28 -18.96 17.40
C GLU C 124 2.84 -19.41 17.67
N TYR C 125 2.00 -19.35 16.63
CA TYR C 125 0.58 -19.80 16.64
C TYR C 125 0.52 -21.28 17.03
N LEU C 126 1.23 -22.17 16.31
CA LEU C 126 1.21 -23.63 16.59
C LEU C 126 1.71 -23.89 18.01
N GLU C 127 2.65 -23.10 18.50
CA GLU C 127 3.19 -23.19 19.89
C GLU C 127 2.07 -22.84 20.90
N LYS C 128 1.23 -21.86 20.58
CA LYS C 128 0.09 -21.42 21.44
C LYS C 128 -1.00 -22.49 21.44
N LYS C 129 -1.35 -23.03 20.25
CA LYS C 129 -2.46 -24.00 20.02
C LYS C 129 -2.01 -25.46 20.27
N ASN C 130 -0.91 -25.68 21.02
CA ASN C 130 -0.41 -27.01 21.42
C ASN C 130 -0.26 -27.93 20.20
N PHE C 131 0.49 -27.49 19.19
CA PHE C 131 0.84 -28.24 17.94
C PHE C 131 2.36 -28.22 17.71
N ILE C 132 2.85 -29.22 16.95
CA ILE C 132 4.23 -29.26 16.37
C ILE C 132 4.16 -29.55 14.87
N HIS C 133 5.24 -29.25 14.17
CA HIS C 133 5.48 -29.64 12.74
C HIS C 133 6.54 -30.75 12.73
N ARG C 134 6.31 -31.81 11.96
CA ARG C 134 7.21 -33.01 11.93
C ARG C 134 8.42 -32.70 11.03
N ASP C 135 8.25 -31.86 10.01
CA ASP C 135 9.31 -31.54 9.01
C ASP C 135 9.37 -30.02 8.80
N LEU C 136 9.76 -29.26 9.81
CA LEU C 136 9.99 -27.81 9.68
C LEU C 136 11.27 -27.57 8.88
N ALA C 137 11.14 -27.06 7.65
CA ALA C 137 12.27 -26.83 6.71
C ALA C 137 11.79 -25.98 5.52
N ALA C 138 12.74 -25.43 4.78
CA ALA C 138 12.48 -24.52 3.64
C ALA C 138 11.67 -25.22 2.55
N ARG C 139 11.79 -26.54 2.41
CA ARG C 139 11.04 -27.35 1.42
C ARG C 139 9.54 -27.37 1.78
N ASN C 140 9.20 -27.21 3.07
CA ASN C 140 7.80 -27.21 3.59
C ASN C 140 7.36 -25.79 3.97
N CYS C 141 7.91 -24.78 3.31
CA CYS C 141 7.36 -23.40 3.27
C CYS C 141 7.03 -23.07 1.81
N LEU C 142 5.91 -22.37 1.58
CA LEU C 142 5.43 -22.02 0.23
C LEU C 142 5.30 -20.49 0.12
N VAL C 143 5.45 -19.97 -1.09
CA VAL C 143 5.61 -18.52 -1.37
C VAL C 143 4.48 -18.07 -2.30
N GLY C 144 3.83 -16.97 -1.96
CA GLY C 144 2.84 -16.27 -2.80
C GLY C 144 3.38 -14.93 -3.30
N GLU C 145 2.48 -14.02 -3.68
CA GLU C 145 2.82 -12.68 -4.22
C GLU C 145 3.35 -11.80 -3.08
N ASN C 146 4.16 -10.79 -3.41
CA ASN C 146 4.71 -9.81 -2.43
C ASN C 146 5.42 -10.54 -1.29
N HIS C 147 6.19 -11.58 -1.61
CA HIS C 147 7.03 -12.37 -0.68
C HIS C 147 6.20 -12.85 0.51
N LEU C 148 4.92 -13.15 0.27
CA LEU C 148 4.04 -13.84 1.24
C LEU C 148 4.57 -15.28 1.37
N VAL C 149 4.91 -15.69 2.59
CA VAL C 149 5.41 -17.05 2.91
C VAL C 149 4.38 -17.71 3.84
N LYS C 150 3.99 -18.94 3.52
CA LYS C 150 3.10 -19.77 4.37
C LYS C 150 3.76 -21.13 4.60
N VAL C 151 3.81 -21.54 5.86
CA VAL C 151 4.27 -22.90 6.27
C VAL C 151 3.19 -23.89 5.81
N ALA C 152 3.59 -24.98 5.15
CA ALA C 152 2.72 -26.12 4.81
C ALA C 152 2.36 -26.85 6.10
N ASP C 153 1.11 -27.30 6.24
CA ASP C 153 0.56 -27.76 7.55
C ASP C 153 0.13 -29.23 7.48
N PHE C 154 0.35 -29.92 6.37
CA PHE C 154 -0.03 -31.35 6.22
C PHE C 154 0.65 -32.18 7.32
N GLY C 155 1.92 -31.90 7.59
CA GLY C 155 2.72 -32.64 8.60
C GLY C 155 2.57 -32.06 10.00
N LEU C 156 1.36 -31.67 10.40
CA LEU C 156 1.06 -31.11 11.75
C LEU C 156 0.62 -32.25 12.67
N SER C 157 0.94 -32.15 13.96
CA SER C 157 0.59 -33.15 15.01
C SER C 157 0.24 -32.40 16.31
N ARG C 158 -0.79 -32.86 17.02
CA ARG C 158 -1.26 -32.27 18.30
C ARG C 158 -0.41 -32.83 19.45
N LEU C 159 0.12 -31.94 20.32
CA LEU C 159 0.91 -32.30 21.52
C LEU C 159 0.96 -31.09 22.46
N MET C 160 1.09 -31.32 23.77
CA MET C 160 1.21 -30.22 24.77
C MET C 160 2.55 -29.51 24.54
N THR C 161 2.55 -28.17 24.52
CA THR C 161 3.71 -27.31 24.20
C THR C 161 4.96 -27.85 24.92
N GLY C 162 4.99 -27.78 26.26
CA GLY C 162 6.17 -28.16 27.06
C GLY C 162 6.31 -29.66 27.29
N ASP C 163 5.56 -30.50 26.56
CA ASP C 163 5.57 -31.98 26.70
C ASP C 163 6.39 -32.60 25.56
N THR C 164 7.19 -33.61 25.88
CA THR C 164 8.07 -34.34 24.92
C THR C 164 7.34 -35.62 24.47
N TYR C 165 6.96 -35.70 23.19
CA TYR C 165 6.50 -36.94 22.50
C TYR C 165 7.70 -37.89 22.34
N THR C 166 7.45 -39.22 22.29
CA THR C 166 8.46 -40.27 22.01
C THR C 166 7.97 -41.11 20.82
N ALA C 167 8.54 -40.90 19.62
CA ALA C 167 8.14 -41.57 18.36
C ALA C 167 8.56 -43.04 18.41
N PHE C 173 13.15 -39.15 9.54
CA PHE C 173 14.09 -38.27 10.29
C PHE C 173 15.05 -37.55 9.33
N PRO C 174 14.76 -36.29 8.93
CA PRO C 174 15.77 -35.43 8.30
C PRO C 174 16.90 -35.09 9.26
N ILE C 175 18.04 -35.79 9.16
CA ILE C 175 19.16 -35.75 10.16
C ILE C 175 19.69 -34.31 10.26
N LYS C 176 19.86 -33.63 9.13
CA LYS C 176 20.52 -32.31 9.10
C LYS C 176 19.57 -31.24 9.68
N TRP C 177 18.27 -31.51 9.72
CA TRP C 177 17.27 -30.59 10.33
C TRP C 177 16.93 -30.99 11.77
N THR C 178 17.27 -32.19 12.22
CA THR C 178 16.65 -32.82 13.41
C THR C 178 17.48 -32.50 14.67
N ALA C 179 16.80 -32.23 15.78
CA ALA C 179 17.43 -31.92 17.07
C ALA C 179 18.12 -33.19 17.60
N PRO C 180 19.18 -33.06 18.41
CA PRO C 180 19.92 -34.24 18.90
C PRO C 180 19.06 -35.18 19.76
N GLU C 181 18.24 -34.64 20.67
CA GLU C 181 17.34 -35.46 21.55
C GLU C 181 16.43 -36.32 20.68
N SER C 182 16.06 -35.84 19.49
CA SER C 182 15.25 -36.56 18.49
C SER C 182 16.09 -37.68 17.86
N LEU C 183 17.33 -37.37 17.46
CA LEU C 183 18.27 -38.34 16.83
C LEU C 183 18.60 -39.49 17.82
N ALA C 184 18.88 -39.17 19.08
CA ALA C 184 19.40 -40.14 20.09
C ALA C 184 18.27 -40.96 20.73
N TYR C 185 17.09 -40.37 20.96
CA TYR C 185 16.00 -40.97 21.78
C TYR C 185 14.60 -40.88 21.12
N ASN C 186 14.49 -40.38 19.88
CA ASN C 186 13.20 -40.23 19.16
C ASN C 186 12.24 -39.29 19.91
N LYS C 187 12.75 -38.31 20.67
CA LYS C 187 11.92 -37.35 21.45
C LYS C 187 11.76 -36.03 20.69
N PHE C 188 10.52 -35.71 20.26
CA PHE C 188 10.15 -34.42 19.63
C PHE C 188 9.31 -33.61 20.64
N SER C 189 9.70 -32.35 20.87
CA SER C 189 8.90 -31.33 21.59
C SER C 189 8.82 -30.08 20.70
N ILE C 190 8.22 -29.00 21.19
CA ILE C 190 8.19 -27.72 20.44
C ILE C 190 9.64 -27.23 20.27
N LYS C 191 10.52 -27.52 21.25
CA LYS C 191 11.94 -27.09 21.23
C LYS C 191 12.69 -27.78 20.08
N SER C 192 12.24 -28.97 19.66
CA SER C 192 12.75 -29.70 18.47
C SER C 192 12.42 -28.90 17.21
N ASP C 193 11.21 -28.34 17.12
CA ASP C 193 10.81 -27.46 16.00
C ASP C 193 11.69 -26.20 15.98
N VAL C 194 12.06 -25.67 17.16
CA VAL C 194 12.95 -24.50 17.32
C VAL C 194 14.31 -24.82 16.66
N TRP C 195 14.96 -25.93 17.06
CA TRP C 195 16.22 -26.43 16.45
C TRP C 195 16.08 -26.39 14.94
N ALA C 196 15.07 -27.07 14.39
CA ALA C 196 14.79 -27.14 12.94
C ALA C 196 14.68 -25.73 12.37
N PHE C 197 14.03 -24.80 13.08
CA PHE C 197 13.84 -23.40 12.62
C PHE C 197 15.21 -22.71 12.47
N GLY C 198 16.13 -22.95 13.40
CA GLY C 198 17.53 -22.51 13.30
C GLY C 198 18.17 -22.95 11.99
N VAL C 199 17.95 -24.19 11.57
CA VAL C 199 18.45 -24.71 10.26
C VAL C 199 17.71 -24.02 9.13
N LEU C 200 16.39 -23.88 9.21
CA LEU C 200 15.59 -23.18 8.16
C LEU C 200 16.11 -21.75 8.02
N LEU C 201 16.47 -21.10 9.14
CA LEU C 201 16.98 -19.71 9.10
C LEU C 201 18.31 -19.72 8.34
N TRP C 202 19.13 -20.75 8.57
CA TRP C 202 20.42 -20.97 7.86
C TRP C 202 20.14 -21.14 6.36
N GLU C 203 19.16 -21.95 5.99
CA GLU C 203 18.74 -22.10 4.57
C GLU C 203 18.42 -20.72 3.99
N ILE C 204 17.64 -19.89 4.69
CA ILE C 204 17.21 -18.55 4.20
C ILE C 204 18.46 -17.67 4.04
N ALA C 205 19.35 -17.66 5.03
CA ALA C 205 20.55 -16.78 5.12
C ALA C 205 21.56 -17.09 4.00
N THR C 206 21.55 -18.33 3.47
CA THR C 206 22.47 -18.82 2.41
C THR C 206 21.75 -18.95 1.07
N TYR C 207 20.49 -18.49 0.95
CA TYR C 207 19.66 -18.53 -0.27
C TYR C 207 19.44 -19.99 -0.73
N GLY C 208 19.40 -20.94 0.21
CA GLY C 208 18.96 -22.32 -0.04
C GLY C 208 20.10 -23.32 -0.25
N MET C 209 21.28 -23.08 0.30
CA MET C 209 22.37 -24.08 0.32
C MET C 209 21.89 -25.30 1.13
N SER C 210 22.52 -26.46 0.94
CA SER C 210 22.31 -27.68 1.78
C SER C 210 23.03 -27.48 3.11
N PRO C 211 22.40 -27.81 4.25
CA PRO C 211 23.04 -27.63 5.55
C PRO C 211 24.21 -28.61 5.71
N TYR C 212 25.14 -28.27 6.61
CA TYR C 212 26.34 -29.10 6.91
C TYR C 212 26.98 -29.50 5.58
N PRO C 213 27.35 -28.54 4.70
CA PRO C 213 27.84 -28.89 3.38
C PRO C 213 29.19 -29.62 3.46
N GLY C 214 29.26 -30.80 2.84
CA GLY C 214 30.47 -31.64 2.77
C GLY C 214 30.69 -32.45 4.04
N ILE C 215 29.71 -32.50 4.95
CA ILE C 215 29.80 -33.33 6.19
C ILE C 215 28.96 -34.59 5.97
N ASP C 216 29.51 -35.73 6.36
CA ASP C 216 28.85 -37.04 6.23
C ASP C 216 27.73 -37.14 7.27
N LEU C 217 26.54 -37.56 6.83
CA LEU C 217 25.32 -37.74 7.68
C LEU C 217 25.66 -38.57 8.94
N SER C 218 26.55 -39.56 8.85
CA SER C 218 26.94 -40.45 9.98
C SER C 218 27.67 -39.66 11.09
N GLN C 219 28.29 -38.52 10.76
CA GLN C 219 29.14 -37.75 11.71
C GLN C 219 28.34 -36.62 12.39
N VAL C 220 27.14 -36.30 11.87
CA VAL C 220 26.38 -35.08 12.28
C VAL C 220 26.10 -35.12 13.79
N TYR C 221 25.53 -36.20 14.30
CA TYR C 221 25.12 -36.29 15.73
C TYR C 221 26.37 -36.14 16.60
N GLU C 222 27.44 -36.88 16.29
CA GLU C 222 28.65 -36.91 17.15
C GLU C 222 29.29 -35.51 17.11
N LEU C 223 29.28 -34.85 15.95
CA LEU C 223 29.81 -33.46 15.81
C LEU C 223 29.02 -32.51 16.72
N LEU C 224 27.68 -32.54 16.65
CA LEU C 224 26.78 -31.70 17.50
C LEU C 224 27.02 -32.01 19.00
N GLU C 225 27.15 -33.28 19.37
CA GLU C 225 27.41 -33.69 20.77
C GLU C 225 28.73 -33.06 21.25
N LYS C 226 29.69 -32.87 20.35
CA LYS C 226 31.04 -32.31 20.67
C LYS C 226 31.10 -30.80 20.43
N ASP C 227 29.93 -30.12 20.31
CA ASP C 227 29.76 -28.65 20.28
C ASP C 227 30.09 -28.06 18.90
N TYR C 228 30.17 -28.87 17.86
CA TYR C 228 30.29 -28.33 16.48
C TYR C 228 28.92 -27.71 16.13
N ARG C 229 28.94 -26.50 15.57
CA ARG C 229 27.74 -25.88 14.97
C ARG C 229 28.15 -25.27 13.63
N MET C 230 27.28 -25.33 12.63
CA MET C 230 27.48 -24.58 11.39
C MET C 230 27.94 -23.15 11.69
N GLU C 231 28.85 -22.63 10.89
CA GLU C 231 29.46 -21.30 11.08
C GLU C 231 28.52 -20.23 10.52
N ARG C 232 28.71 -18.98 10.93
CA ARG C 232 27.93 -17.83 10.40
C ARG C 232 28.04 -17.81 8.86
N PRO C 233 26.93 -17.90 8.10
CA PRO C 233 26.96 -17.67 6.67
C PRO C 233 27.51 -16.29 6.26
N GLU C 234 28.11 -16.24 5.08
CA GLU C 234 28.59 -14.99 4.43
C GLU C 234 27.42 -14.00 4.38
N GLY C 235 27.62 -12.80 4.95
CA GLY C 235 26.66 -11.68 4.91
C GLY C 235 25.54 -11.78 5.96
N CYS C 236 25.50 -12.86 6.76
CA CYS C 236 24.50 -13.02 7.85
C CYS C 236 24.81 -12.02 8.97
N PRO C 237 23.87 -11.12 9.33
CA PRO C 237 24.09 -10.26 10.50
C PRO C 237 24.28 -11.08 11.78
N GLU C 238 25.19 -10.64 12.65
CA GLU C 238 25.60 -11.36 13.88
C GLU C 238 24.37 -11.72 14.71
N LYS C 239 23.44 -10.78 14.91
CA LYS C 239 22.20 -10.98 15.72
C LYS C 239 21.40 -12.14 15.13
N VAL C 240 21.29 -12.21 13.81
CA VAL C 240 20.56 -13.30 13.10
C VAL C 240 21.29 -14.63 13.36
N TYR C 241 22.62 -14.61 13.37
CA TYR C 241 23.44 -15.83 13.63
C TYR C 241 23.28 -16.27 15.09
N GLU C 242 23.35 -15.35 16.05
CA GLU C 242 23.13 -15.64 17.49
C GLU C 242 21.76 -16.30 17.69
N LEU C 243 20.75 -15.83 16.98
CA LEU C 243 19.43 -16.48 17.04
C LEU C 243 19.54 -17.92 16.56
N MET C 244 20.24 -18.18 15.44
CA MET C 244 20.50 -19.56 14.96
C MET C 244 21.13 -20.37 16.08
N ARG C 245 22.16 -19.82 16.73
CA ARG C 245 22.95 -20.57 17.73
C ARG C 245 22.07 -20.82 18.96
N ALA C 246 21.26 -19.83 19.38
CA ALA C 246 20.30 -20.01 20.49
C ALA C 246 19.35 -21.17 20.14
N CYS C 247 18.82 -21.24 18.91
CA CYS C 247 17.95 -22.36 18.44
C CYS C 247 18.69 -23.71 18.51
N TRP C 248 20.03 -23.70 18.47
CA TRP C 248 20.89 -24.93 18.51
C TRP C 248 21.56 -25.10 19.88
N GLN C 249 20.99 -24.56 20.94
CA GLN C 249 21.44 -24.87 22.32
C GLN C 249 21.23 -26.39 22.53
N TRP C 250 22.19 -27.07 23.15
CA TRP C 250 22.13 -28.55 23.32
C TRP C 250 20.85 -28.94 24.09
N ASN C 251 20.63 -28.31 25.25
CA ASN C 251 19.47 -28.59 26.14
C ASN C 251 18.22 -27.94 25.53
N PRO C 252 17.16 -28.73 25.18
CA PRO C 252 15.92 -28.16 24.67
C PRO C 252 15.37 -26.98 25.47
N SER C 253 15.48 -27.06 26.80
CA SER C 253 14.90 -26.07 27.75
C SER C 253 15.61 -24.73 27.57
N ASP C 254 16.87 -24.72 27.10
CA ASP C 254 17.69 -23.49 26.89
C ASP C 254 17.35 -22.82 25.55
N ARG C 255 16.57 -23.45 24.68
CA ARG C 255 16.22 -22.85 23.38
C ARG C 255 15.10 -21.83 23.60
N PRO C 256 15.07 -20.73 22.83
CA PRO C 256 13.99 -19.76 22.96
C PRO C 256 12.70 -20.38 22.43
N SER C 257 11.57 -19.82 22.87
CA SER C 257 10.22 -20.10 22.34
C SER C 257 10.08 -19.42 20.98
N PHE C 258 9.16 -19.87 20.15
CA PHE C 258 8.80 -19.17 18.89
C PHE C 258 8.32 -17.74 19.16
N ALA C 259 7.69 -17.48 20.31
CA ALA C 259 7.25 -16.13 20.73
C ALA C 259 8.48 -15.23 20.92
N GLU C 260 9.48 -15.69 21.68
CA GLU C 260 10.76 -14.96 21.87
C GLU C 260 11.42 -14.71 20.51
N ILE C 261 11.41 -15.70 19.60
CA ILE C 261 12.07 -15.64 18.26
C ILE C 261 11.36 -14.58 17.40
N HIS C 262 10.02 -14.69 17.24
CA HIS C 262 9.17 -13.69 16.52
C HIS C 262 9.44 -12.28 17.06
N GLN C 263 9.51 -12.13 18.38
CA GLN C 263 9.73 -10.80 19.01
C GLN C 263 11.10 -10.30 18.57
N ALA C 264 12.12 -11.17 18.62
CA ALA C 264 13.50 -10.84 18.22
C ALA C 264 13.50 -10.36 16.76
N PHE C 265 12.72 -10.98 15.87
CA PHE C 265 12.64 -10.55 14.45
C PHE C 265 11.97 -9.17 14.37
N GLU C 266 10.88 -8.97 15.12
CA GLU C 266 10.15 -7.67 15.16
C GLU C 266 11.09 -6.59 15.70
N THR C 267 11.85 -6.90 16.76
CA THR C 267 12.88 -6.00 17.32
C THR C 267 13.91 -5.66 16.23
N MET C 268 14.31 -6.62 15.39
CA MET C 268 15.34 -6.39 14.33
C MET C 268 14.78 -5.41 13.30
N PHE C 269 13.52 -5.59 12.90
CA PHE C 269 12.78 -4.70 11.96
C PHE C 269 12.77 -3.25 12.48
N GLN C 270 12.70 -3.08 13.80
CA GLN C 270 12.60 -1.77 14.53
C GLN C 270 13.98 -1.28 15.00
N GLU C 271 15.01 -2.12 14.92
CA GLU C 271 16.40 -1.81 15.37
C GLU C 271 17.11 -1.08 14.24
#